data_7ZO8
#
_entry.id   7ZO8
#
_cell.length_a   1.00
_cell.length_b   1.00
_cell.length_c   1.00
_cell.angle_alpha   90.00
_cell.angle_beta   90.00
_cell.angle_gamma   90.00
#
_symmetry.space_group_name_H-M   'P 1'
#
loop_
_entity.id
_entity.type
_entity.pdbx_description
1 polymer 'Beta-(1-->2)glucan export ATP-binding/permease protein NdvA'
2 non-polymer 'DIUNDECYL PHOSPHATIDYL CHOLINE'
#
_entity_poly.entity_id   1
_entity_poly.type   'polypeptide(L)'
_entity_poly.pdbx_seq_one_letter_code
;MSLLKIYWRAMQYLAVERTATITMCVASVLVALVTLAEPVLFGRVIQSISDKGDIFSPLLMWAALGGFNIMAAVFVARGA
DRLAHRRRLGVMIDSYERLITMPLAWHQKRGTSNALHTLIRATDSLFTLWLEFMRQHLTTVVALATLIPVAMTMDMRMSL
VLIVLGVIYVMIGQLVMRKTKDGQAAVEKHHHKLFEHVSDTISNVSVVQSYNRIASETQALRDYAKNLENAQFPVLNWWA
LASGLNRMASTFSMVVVLVLGAYFVTKGQMRVGDVIAFIGFAQLMIGRLDQISAFINQTVTARAKLEEFFQMEDATADRQ
EPENVADLNDVKGDIVFDNVTYEFPNSGQGVYDVSFEVKPGQTVAIVGPTGAGKTTLINLLQRVFDPAAGRIMIDGTDTR
TVSRRSLRHAIATVFQDAGLFNRSVEDNIRVGRANATHEEVHAAAKAAAAHDFILAKSEGYDTFVGERGSQLSGGERQRL
AIARAILKDSPILVLDEATSALDVETEEKVTQAVDELSHNRTTFIIAHRLSTVRSADLVLFMDKGHLVESGSFNELAERG
GRFSDLLRAGGLKLEDKQPKQPVVEGSNVMPFPVKGAVA
;
_entity_poly.pdbx_strand_id   A,B
#
# COMPACT_ATOMS: atom_id res chain seq x y z
N MET A 1 16.54 -27.32 -9.21
CA MET A 1 15.44 -27.69 -10.08
C MET A 1 14.10 -27.29 -9.47
N SER A 2 14.14 -26.34 -8.54
CA SER A 2 12.91 -25.87 -7.90
C SER A 2 12.00 -25.18 -8.91
N LEU A 3 12.58 -24.45 -9.87
CA LEU A 3 11.77 -23.71 -10.82
C LEU A 3 10.91 -24.64 -11.66
N LEU A 4 11.49 -25.73 -12.15
CA LEU A 4 10.71 -26.67 -12.94
C LEU A 4 9.65 -27.38 -12.09
N LYS A 5 9.97 -27.64 -10.83
CA LYS A 5 8.99 -28.27 -9.95
C LYS A 5 7.79 -27.36 -9.71
N ILE A 6 8.03 -26.06 -9.48
CA ILE A 6 6.90 -25.16 -9.29
C ILE A 6 6.13 -24.98 -10.59
N TYR A 7 6.82 -24.99 -11.73
CA TYR A 7 6.09 -24.94 -13.01
C TYR A 7 5.18 -26.16 -13.16
N TRP A 8 5.68 -27.35 -12.83
CA TRP A 8 4.87 -28.55 -12.95
C TRP A 8 3.68 -28.51 -12.00
N ARG A 9 3.90 -28.10 -10.75
CA ARG A 9 2.80 -28.06 -9.80
C ARG A 9 1.80 -26.96 -10.11
N ALA A 10 2.22 -25.90 -10.82
CA ALA A 10 1.27 -24.90 -11.28
C ALA A 10 0.49 -25.39 -12.49
N MET A 11 1.11 -26.21 -13.35
CA MET A 11 0.39 -26.76 -14.49
C MET A 11 -0.58 -27.86 -14.09
N GLN A 12 -0.34 -28.53 -12.97
CA GLN A 12 -1.29 -29.55 -12.51
C GLN A 12 -2.68 -28.96 -12.30
N TYR A 13 -2.75 -27.74 -11.76
CA TYR A 13 -4.04 -27.12 -11.48
C TYR A 13 -4.83 -26.88 -12.75
N LEU A 14 -4.16 -26.45 -13.83
CA LEU A 14 -4.83 -26.39 -15.12
C LEU A 14 -5.20 -27.79 -15.61
N ALA A 15 -4.34 -28.78 -15.35
CA ALA A 15 -4.65 -30.14 -15.76
C ALA A 15 -5.88 -30.68 -15.04
N VAL A 16 -6.31 -30.06 -13.95
CA VAL A 16 -7.59 -30.42 -13.34
C VAL A 16 -8.73 -30.21 -14.32
N GLU A 17 -8.71 -29.09 -15.05
CA GLU A 17 -9.72 -28.79 -16.07
C GLU A 17 -9.15 -29.22 -17.42
N ARG A 18 -9.68 -30.31 -17.96
CA ARG A 18 -9.01 -30.97 -19.08
C ARG A 18 -9.43 -30.40 -20.43
N THR A 19 -10.73 -30.22 -20.65
CA THR A 19 -11.22 -29.88 -21.98
C THR A 19 -10.72 -28.51 -22.43
N ALA A 20 -10.89 -27.50 -21.59
CA ALA A 20 -10.48 -26.15 -21.96
C ALA A 20 -8.97 -26.07 -22.13
N THR A 21 -8.22 -26.76 -21.27
CA THR A 21 -6.76 -26.76 -21.40
C THR A 21 -6.33 -27.40 -22.70
N ILE A 22 -6.97 -28.50 -23.10
CA ILE A 22 -6.63 -29.15 -24.36
C ILE A 22 -6.93 -28.23 -25.53
N THR A 23 -8.09 -27.56 -25.50
CA THR A 23 -8.41 -26.63 -26.58
C THR A 23 -7.38 -25.50 -26.65
N MET A 24 -7.00 -24.93 -25.50
CA MET A 24 -6.03 -23.84 -25.51
C MET A 24 -4.67 -24.31 -26.02
N CYS A 25 -4.23 -25.50 -25.62
CA CYS A 25 -2.90 -25.94 -26.03
C CYS A 25 -2.86 -26.25 -27.53
N VAL A 26 -3.92 -26.88 -28.06
CA VAL A 26 -3.93 -27.15 -29.49
C VAL A 26 -4.03 -25.83 -30.27
N ALA A 27 -4.79 -24.86 -29.75
CA ALA A 27 -4.85 -23.55 -30.40
C ALA A 27 -3.49 -22.88 -30.40
N SER A 28 -2.75 -22.98 -29.30
CA SER A 28 -1.42 -22.38 -29.23
C SER A 28 -0.47 -23.04 -30.22
N VAL A 29 -0.56 -24.37 -30.35
CA VAL A 29 0.28 -25.05 -31.33
C VAL A 29 -0.04 -24.59 -32.74
N LEU A 30 -1.33 -24.45 -33.06
CA LEU A 30 -1.71 -23.96 -34.39
C LEU A 30 -1.21 -22.54 -34.63
N VAL A 31 -1.31 -21.69 -33.61
CA VAL A 31 -0.83 -20.31 -33.74
C VAL A 31 0.67 -20.29 -33.98
N ALA A 32 1.42 -21.15 -33.28
CA ALA A 32 2.86 -21.21 -33.49
C ALA A 32 3.19 -21.66 -34.91
N LEU A 33 2.49 -22.67 -35.42
CA LEU A 33 2.74 -23.12 -36.78
C LEU A 33 2.46 -22.01 -37.79
N VAL A 34 1.36 -21.27 -37.58
CA VAL A 34 1.05 -20.17 -38.49
C VAL A 34 2.10 -19.06 -38.39
N THR A 35 2.57 -18.78 -37.18
CA THR A 35 3.59 -17.76 -36.99
C THR A 35 4.86 -18.11 -37.73
N LEU A 36 5.28 -19.38 -37.68
CA LEU A 36 6.45 -19.79 -38.47
C LEU A 36 6.16 -19.75 -39.96
N ALA A 37 4.96 -20.14 -40.37
CA ALA A 37 4.67 -20.24 -41.79
C ALA A 37 4.53 -18.89 -42.47
N GLU A 38 4.17 -17.84 -41.73
CA GLU A 38 3.93 -16.55 -42.35
C GLU A 38 5.16 -15.94 -43.02
N PRO A 39 6.35 -15.88 -42.39
CA PRO A 39 7.50 -15.29 -43.08
C PRO A 39 7.90 -16.03 -44.35
N VAL A 40 7.76 -17.35 -44.38
CA VAL A 40 8.11 -18.10 -45.59
C VAL A 40 7.21 -17.68 -46.73
N LEU A 41 5.91 -17.54 -46.47
CA LEU A 41 4.99 -17.10 -47.52
C LEU A 41 5.24 -15.65 -47.92
N PHE A 42 5.65 -14.80 -46.96
CA PHE A 42 6.02 -13.44 -47.33
C PHE A 42 7.21 -13.44 -48.28
N GLY A 43 8.21 -14.28 -48.01
CA GLY A 43 9.32 -14.40 -48.93
C GLY A 43 8.90 -14.94 -50.28
N ARG A 44 7.95 -15.87 -50.29
CA ARG A 44 7.44 -16.40 -51.55
C ARG A 44 6.74 -15.32 -52.37
N VAL A 45 5.96 -14.46 -51.71
CA VAL A 45 5.30 -13.36 -52.42
C VAL A 45 6.33 -12.39 -52.96
N ILE A 46 7.31 -12.03 -52.14
CA ILE A 46 8.29 -11.02 -52.55
C ILE A 46 9.16 -11.54 -53.69
N GLN A 47 9.51 -12.82 -53.66
CA GLN A 47 10.44 -13.35 -54.65
C GLN A 47 9.78 -13.42 -56.02
N SER A 48 8.77 -14.28 -56.16
CA SER A 48 7.87 -14.32 -57.31
C SER A 48 8.57 -14.07 -58.64
N ILE A 49 9.81 -14.56 -58.78
CA ILE A 49 10.68 -14.22 -59.91
C ILE A 49 10.77 -12.69 -60.01
N SER A 50 11.72 -12.10 -59.27
CA SER A 50 11.81 -10.66 -59.11
C SER A 50 10.51 -10.15 -58.50
N ASP A 51 9.60 -9.68 -59.36
CA ASP A 51 8.18 -9.68 -59.00
C ASP A 51 7.33 -9.98 -60.23
N LYS A 52 7.90 -10.72 -61.18
CA LYS A 52 7.26 -11.01 -62.47
C LYS A 52 6.84 -12.46 -62.49
N GLY A 53 5.54 -12.70 -62.48
CA GLY A 53 5.02 -14.06 -62.47
C GLY A 53 3.62 -14.10 -61.89
N ASP A 54 3.31 -15.21 -61.22
CA ASP A 54 2.04 -15.39 -60.55
C ASP A 54 2.15 -14.86 -59.13
N ILE A 55 1.46 -13.76 -58.86
CA ILE A 55 1.50 -13.13 -57.54
C ILE A 55 0.26 -13.55 -56.76
N PHE A 56 -0.83 -13.83 -57.47
CA PHE A 56 -2.09 -14.13 -56.80
C PHE A 56 -2.01 -15.39 -55.96
N SER A 57 -1.36 -16.43 -56.47
CA SER A 57 -1.33 -17.71 -55.75
C SER A 57 -0.65 -17.61 -54.39
N PRO A 58 0.55 -17.03 -54.24
CA PRO A 58 1.15 -16.94 -52.90
C PRO A 58 0.48 -15.89 -52.04
N LEU A 59 0.02 -14.80 -52.67
CA LEU A 59 -0.61 -13.72 -51.93
C LEU A 59 -1.90 -14.18 -51.26
N LEU A 60 -2.69 -15.01 -51.95
CA LEU A 60 -3.91 -15.51 -51.35
C LEU A 60 -3.62 -16.34 -50.10
N MET A 61 -2.61 -17.22 -50.18
CA MET A 61 -2.25 -18.02 -49.02
C MET A 61 -1.76 -17.14 -47.87
N TRP A 62 -0.95 -16.13 -48.19
CA TRP A 62 -0.44 -15.25 -47.15
C TRP A 62 -1.57 -14.49 -46.47
N ALA A 63 -2.53 -13.99 -47.25
CA ALA A 63 -3.67 -13.29 -46.67
C ALA A 63 -4.52 -14.22 -45.83
N ALA A 64 -4.70 -15.48 -46.27
CA ALA A 64 -5.47 -16.43 -45.48
C ALA A 64 -4.81 -16.69 -44.13
N LEU A 65 -3.49 -16.89 -44.12
CA LEU A 65 -2.80 -17.07 -42.84
C LEU A 65 -2.86 -15.82 -41.98
N GLY A 66 -2.82 -14.63 -42.60
CA GLY A 66 -2.98 -13.41 -41.82
C GLY A 66 -4.34 -13.32 -41.14
N GLY A 67 -5.40 -13.63 -41.89
CA GLY A 67 -6.72 -13.63 -41.29
C GLY A 67 -6.88 -14.66 -40.19
N PHE A 68 -6.32 -15.86 -40.41
CA PHE A 68 -6.35 -16.87 -39.36
C PHE A 68 -5.60 -16.39 -38.12
N ASN A 69 -4.47 -15.71 -38.32
CA ASN A 69 -3.70 -15.19 -37.20
C ASN A 69 -4.50 -14.15 -36.42
N ILE A 70 -5.22 -13.29 -37.13
CA ILE A 70 -6.10 -12.31 -36.45
C ILE A 70 -7.15 -13.02 -35.61
N MET A 71 -7.87 -13.97 -36.22
CA MET A 71 -8.93 -14.65 -35.50
C MET A 71 -8.39 -15.42 -34.30
N ALA A 72 -7.24 -16.06 -34.46
CA ALA A 72 -6.63 -16.81 -33.36
C ALA A 72 -6.15 -15.88 -32.26
N ALA A 73 -5.60 -14.72 -32.62
CA ALA A 73 -5.16 -13.75 -31.61
C ALA A 73 -6.35 -13.27 -30.79
N VAL A 74 -7.54 -13.21 -31.37
CA VAL A 74 -8.71 -12.90 -30.56
C VAL A 74 -9.11 -14.08 -29.69
N PHE A 75 -9.31 -15.25 -30.31
CA PHE A 75 -9.92 -16.38 -29.63
C PHE A 75 -9.04 -16.90 -28.49
N VAL A 76 -7.75 -17.07 -28.75
CA VAL A 76 -6.85 -17.60 -27.72
C VAL A 76 -6.75 -16.62 -26.57
N ALA A 77 -6.67 -15.32 -26.86
CA ALA A 77 -6.57 -14.33 -25.80
C ALA A 77 -7.82 -14.31 -24.94
N ARG A 78 -8.99 -14.52 -25.54
CA ARG A 78 -10.22 -14.58 -24.75
C ARG A 78 -10.27 -15.85 -23.90
N GLY A 79 -10.00 -17.01 -24.52
CA GLY A 79 -10.09 -18.26 -23.79
C GLY A 79 -9.10 -18.35 -22.65
N ALA A 80 -7.88 -17.84 -22.85
CA ALA A 80 -6.86 -17.93 -21.82
C ALA A 80 -7.27 -17.18 -20.57
N ASP A 81 -7.79 -15.95 -20.71
CA ASP A 81 -8.13 -15.20 -19.52
C ASP A 81 -9.42 -15.73 -18.88
N ARG A 82 -10.37 -16.23 -19.68
CA ARG A 82 -11.54 -16.86 -19.08
C ARG A 82 -11.14 -18.05 -18.22
N LEU A 83 -10.29 -18.92 -18.78
CA LEU A 83 -9.82 -20.09 -18.04
C LEU A 83 -9.04 -19.68 -16.79
N ALA A 84 -8.16 -18.67 -16.92
CA ALA A 84 -7.35 -18.26 -15.78
C ALA A 84 -8.22 -17.72 -14.65
N HIS A 85 -9.22 -16.89 -14.98
CA HIS A 85 -10.10 -16.37 -13.94
C HIS A 85 -10.87 -17.49 -13.27
N ARG A 86 -11.45 -18.40 -14.06
CA ARG A 86 -12.22 -19.49 -13.46
C ARG A 86 -11.35 -20.36 -12.57
N ARG A 87 -10.15 -20.70 -13.02
CA ARG A 87 -9.28 -21.56 -12.23
C ARG A 87 -8.81 -20.87 -10.96
N ARG A 88 -8.50 -19.57 -11.03
CA ARG A 88 -8.08 -18.85 -9.83
CA ARG A 88 -8.09 -18.85 -9.83
C ARG A 88 -9.20 -18.81 -8.81
N LEU A 89 -10.44 -18.57 -9.24
CA LEU A 89 -11.54 -18.56 -8.30
C LEU A 89 -11.76 -19.94 -7.70
N GLY A 90 -11.69 -20.99 -8.52
CA GLY A 90 -11.88 -22.34 -8.00
C GLY A 90 -10.80 -22.72 -7.00
N VAL A 91 -9.54 -22.41 -7.31
CA VAL A 91 -8.44 -22.73 -6.40
C VAL A 91 -8.59 -21.97 -5.09
N MET A 92 -8.95 -20.67 -5.18
CA MET A 92 -9.13 -19.89 -3.96
C MET A 92 -10.26 -20.46 -3.11
N ILE A 93 -11.38 -20.83 -3.73
CA ILE A 93 -12.50 -21.39 -2.97
C ILE A 93 -12.08 -22.69 -2.29
N ASP A 94 -11.40 -23.57 -3.02
CA ASP A 94 -11.00 -24.85 -2.45
C ASP A 94 -10.03 -24.66 -1.29
N SER A 95 -9.01 -23.82 -1.49
CA SER A 95 -8.03 -23.60 -0.44
C SER A 95 -8.67 -22.94 0.78
N TYR A 96 -9.59 -22.01 0.57
CA TYR A 96 -10.26 -21.35 1.68
C TYR A 96 -11.10 -22.33 2.47
N GLU A 97 -11.91 -23.13 1.77
CA GLU A 97 -12.79 -24.06 2.48
C GLU A 97 -12.00 -25.16 3.16
N ARG A 98 -10.79 -25.47 2.67
CA ARG A 98 -9.95 -26.44 3.38
C ARG A 98 -9.19 -25.79 4.52
N LEU A 99 -8.95 -24.49 4.47
CA LEU A 99 -8.17 -23.82 5.50
C LEU A 99 -9.05 -23.41 6.69
N ILE A 100 -10.29 -23.00 6.42
CA ILE A 100 -11.15 -22.47 7.47
C ILE A 100 -11.63 -23.52 8.45
N THR A 101 -11.61 -24.80 8.06
CA THR A 101 -12.19 -25.88 8.85
C THR A 101 -11.12 -26.68 9.59
N MET A 102 -10.05 -26.05 10.01
CA MET A 102 -8.93 -26.79 10.57
C MET A 102 -8.45 -26.11 11.85
N PRO A 103 -8.05 -26.90 12.89
CA PRO A 103 -7.89 -26.37 14.24
C PRO A 103 -7.11 -25.07 14.41
N LEU A 104 -7.40 -24.36 15.51
CA LEU A 104 -6.83 -23.05 15.77
C LEU A 104 -5.34 -23.10 16.08
N ALA A 105 -4.87 -24.15 16.73
CA ALA A 105 -3.47 -24.21 17.16
C ALA A 105 -2.53 -23.92 16.00
N TRP A 106 -2.85 -24.44 14.81
CA TRP A 106 -2.07 -24.12 13.63
C TRP A 106 -2.17 -22.63 13.29
N HIS A 107 -3.35 -22.04 13.49
CA HIS A 107 -3.52 -20.61 13.22
C HIS A 107 -2.63 -19.77 14.11
N GLN A 108 -2.55 -20.11 15.41
CA GLN A 108 -1.63 -19.37 16.28
C GLN A 108 -0.18 -19.69 15.97
N LYS A 109 0.13 -20.91 15.55
CA LYS A 109 1.50 -21.25 15.21
C LYS A 109 2.00 -20.44 14.02
N ARG A 110 1.16 -20.29 12.98
CA ARG A 110 1.55 -19.59 11.78
C ARG A 110 1.13 -18.13 11.79
N GLY A 111 -0.13 -17.84 12.12
CA GLY A 111 -0.65 -16.50 12.04
C GLY A 111 -1.72 -16.38 10.97
N THR A 112 -2.95 -16.08 11.39
CA THR A 112 -4.06 -16.04 10.43
C THR A 112 -3.85 -14.96 9.38
N SER A 113 -3.28 -13.81 9.78
CA SER A 113 -2.98 -12.77 8.81
C SER A 113 -1.95 -13.25 7.80
N ASN A 114 -0.92 -13.95 8.27
CA ASN A 114 0.09 -14.48 7.37
C ASN A 114 -0.50 -15.49 6.39
N ALA A 115 -1.37 -16.38 6.89
CA ALA A 115 -1.99 -17.36 6.01
C ALA A 115 -2.87 -16.68 4.96
N LEU A 116 -3.65 -15.68 5.39
CA LEU A 116 -4.50 -14.96 4.44
C LEU A 116 -3.67 -14.27 3.37
N HIS A 117 -2.60 -13.58 3.79
CA HIS A 117 -1.75 -12.88 2.82
CA HIS A 117 -1.75 -12.88 2.82
C HIS A 117 -1.09 -13.86 1.87
N THR A 118 -0.60 -14.98 2.38
CA THR A 118 0.02 -15.99 1.53
C THR A 118 -0.98 -16.49 0.49
N LEU A 119 -2.19 -16.82 0.93
CA LEU A 119 -3.20 -17.34 0.01
C LEU A 119 -3.51 -16.32 -1.08
N ILE A 120 -3.78 -15.07 -0.70
CA ILE A 120 -4.20 -14.06 -1.67
C ILE A 120 -3.08 -13.78 -2.66
N ARG A 121 -1.88 -13.49 -2.17
CA ARG A 121 -0.78 -13.12 -3.07
C ARG A 121 -0.39 -14.29 -3.96
N ALA A 122 -0.33 -15.50 -3.40
CA ALA A 122 0.03 -16.67 -4.20
C ALA A 122 -1.00 -16.94 -5.28
N THR A 123 -2.29 -16.81 -4.95
CA THR A 123 -3.32 -17.03 -5.96
C THR A 123 -3.23 -15.98 -7.06
N ASP A 124 -2.95 -14.74 -6.71
CA ASP A 124 -2.81 -13.70 -7.73
C ASP A 124 -1.63 -14.00 -8.66
N SER A 125 -0.48 -14.36 -8.08
CA SER A 125 0.68 -14.68 -8.89
C SER A 125 0.43 -15.90 -9.77
N LEU A 126 -0.24 -16.91 -9.21
CA LEU A 126 -0.56 -18.11 -9.97
C LEU A 126 -1.49 -17.80 -11.13
N PHE A 127 -2.47 -16.92 -10.91
CA PHE A 127 -3.35 -16.50 -12.00
C PHE A 127 -2.58 -15.79 -13.09
N THR A 128 -1.67 -14.90 -12.72
CA THR A 128 -0.86 -14.22 -13.73
C THR A 128 -0.03 -15.23 -14.53
N LEU A 129 0.56 -16.19 -13.83
CA LEU A 129 1.33 -17.24 -14.50
C LEU A 129 0.47 -17.99 -15.51
N TRP A 130 -0.72 -18.44 -15.09
CA TRP A 130 -1.61 -19.17 -15.99
C TRP A 130 -2.01 -18.31 -17.18
N LEU A 131 -2.33 -17.04 -16.94
CA LEU A 131 -2.82 -16.19 -18.02
C LEU A 131 -1.76 -15.97 -19.08
N GLU A 132 -0.54 -15.59 -18.66
CA GLU A 132 0.49 -15.30 -19.65
C GLU A 132 1.02 -16.57 -20.31
N PHE A 133 1.30 -17.59 -19.50
CA PHE A 133 2.02 -18.77 -19.99
C PHE A 133 1.33 -19.36 -21.20
N MET A 134 0.11 -19.87 -21.01
CA MET A 134 -0.55 -20.67 -22.02
C MET A 134 -0.44 -20.00 -23.37
N ARG A 135 -1.13 -18.89 -23.55
CA ARG A 135 -1.16 -18.26 -24.86
C ARG A 135 0.25 -17.85 -25.28
N GLN A 136 0.82 -16.83 -24.64
CA GLN A 136 1.95 -16.22 -25.34
C GLN A 136 3.18 -17.09 -25.26
N HIS A 137 3.45 -17.70 -24.11
CA HIS A 137 4.71 -18.41 -23.99
C HIS A 137 4.61 -19.85 -24.43
N LEU A 138 3.44 -20.51 -24.41
CA LEU A 138 3.36 -21.77 -25.13
C LEU A 138 3.58 -21.54 -26.62
N THR A 139 3.01 -20.45 -27.16
CA THR A 139 3.27 -20.14 -28.56
C THR A 139 4.75 -19.92 -28.81
N THR A 140 5.43 -19.15 -27.94
CA THR A 140 6.85 -18.88 -28.17
C THR A 140 7.69 -20.15 -28.07
N VAL A 141 7.43 -20.99 -27.06
CA VAL A 141 8.24 -22.19 -26.87
C VAL A 141 8.09 -23.12 -28.05
N VAL A 142 6.86 -23.39 -28.47
CA VAL A 142 6.65 -24.27 -29.62
C VAL A 142 7.23 -23.63 -30.87
N ALA A 143 7.10 -22.30 -30.99
CA ALA A 143 7.59 -21.61 -32.18
C ALA A 143 9.09 -21.76 -32.33
N LEU A 144 9.84 -21.56 -31.24
CA LEU A 144 11.29 -21.69 -31.33
C LEU A 144 11.72 -23.14 -31.51
N ALA A 145 11.09 -24.06 -30.78
CA ALA A 145 11.45 -25.47 -30.89
C ALA A 145 11.18 -26.01 -32.28
N THR A 146 10.19 -25.45 -32.99
CA THR A 146 9.93 -25.86 -34.36
C THR A 146 10.74 -25.04 -35.37
N LEU A 147 11.12 -23.82 -34.99
CA LEU A 147 11.91 -22.99 -35.88
C LEU A 147 13.31 -23.54 -36.05
N ILE A 148 13.85 -24.19 -35.02
CA ILE A 148 15.19 -24.77 -35.14
C ILE A 148 15.30 -25.75 -36.30
N PRO A 149 14.40 -26.74 -36.46
CA PRO A 149 14.51 -27.62 -37.64
C PRO A 149 14.33 -26.92 -38.97
N VAL A 150 13.45 -25.91 -39.05
CA VAL A 150 13.20 -25.25 -40.33
C VAL A 150 14.45 -24.51 -40.80
N ALA A 151 15.07 -23.73 -39.91
CA ALA A 151 16.33 -23.09 -40.25
C ALA A 151 17.41 -24.12 -40.51
N MET A 152 17.42 -25.22 -39.74
CA MET A 152 18.40 -26.27 -39.93
C MET A 152 18.33 -26.85 -41.33
N THR A 153 17.12 -27.03 -41.85
CA THR A 153 16.97 -27.66 -43.16
C THR A 153 17.05 -26.66 -44.31
N MET A 154 16.79 -25.38 -44.07
CA MET A 154 16.77 -24.45 -45.19
C MET A 154 18.16 -23.92 -45.55
N ASP A 155 18.80 -23.20 -44.63
CA ASP A 155 19.99 -22.40 -44.93
C ASP A 155 21.04 -22.55 -43.83
N MET A 156 21.48 -23.78 -43.58
CA MET A 156 22.29 -24.19 -42.43
C MET A 156 23.25 -23.13 -41.90
N ARG A 157 23.95 -22.43 -42.79
CA ARG A 157 24.82 -21.34 -42.37
C ARG A 157 24.04 -20.30 -41.58
N MET A 158 22.90 -19.84 -42.13
CA MET A 158 22.08 -18.89 -41.40
C MET A 158 21.39 -19.51 -40.20
N SER A 159 21.17 -20.83 -40.20
CA SER A 159 20.67 -21.47 -38.98
C SER A 159 21.68 -21.32 -37.84
N LEU A 160 22.95 -21.59 -38.13
CA LEU A 160 23.99 -21.42 -37.13
C LEU A 160 24.11 -19.95 -36.72
N VAL A 161 23.99 -19.04 -37.68
CA VAL A 161 24.05 -17.61 -37.36
C VAL A 161 22.92 -17.23 -36.42
N LEU A 162 21.70 -17.71 -36.70
CA LEU A 162 20.57 -17.39 -35.83
C LEU A 162 20.76 -17.96 -34.43
N ILE A 163 21.26 -19.20 -34.35
CA ILE A 163 21.47 -19.81 -33.02
C ILE A 163 22.50 -19.01 -32.23
N VAL A 164 23.59 -18.60 -32.89
CA VAL A 164 24.62 -17.81 -32.22
C VAL A 164 24.05 -16.48 -31.76
N LEU A 165 23.27 -15.82 -32.61
CA LEU A 165 22.69 -14.53 -32.24
C LEU A 165 21.75 -14.68 -31.05
N GLY A 166 20.92 -15.72 -31.04
CA GLY A 166 20.03 -15.93 -29.92
C GLY A 166 20.76 -16.19 -28.63
N VAL A 167 21.81 -17.02 -28.67
CA VAL A 167 22.57 -17.32 -27.46
C VAL A 167 23.24 -16.05 -26.94
N ILE A 168 23.84 -15.27 -27.83
CA ILE A 168 24.51 -14.05 -27.41
C ILE A 168 23.51 -13.07 -26.81
N TYR A 169 22.35 -12.93 -27.44
CA TYR A 169 21.33 -12.01 -26.92
C TYR A 169 20.86 -12.42 -25.53
N VAL A 170 20.63 -13.72 -25.33
CA VAL A 170 20.16 -14.18 -24.02
C VAL A 170 21.23 -13.96 -22.96
N MET A 171 22.50 -14.24 -23.29
CA MET A 171 23.57 -14.01 -22.32
C MET A 171 23.70 -12.55 -21.95
N ILE A 172 23.65 -11.66 -22.94
CA ILE A 172 23.75 -10.23 -22.66
C ILE A 172 22.56 -9.76 -21.85
N GLY A 173 21.37 -10.30 -22.15
CA GLY A 173 20.21 -9.95 -21.35
C GLY A 173 20.37 -10.34 -19.90
N GLN A 174 20.86 -11.56 -19.64
CA GLN A 174 21.08 -11.99 -18.27
C GLN A 174 22.10 -11.10 -17.56
N LEU A 175 23.18 -10.75 -18.25
CA LEU A 175 24.19 -9.88 -17.66
C LEU A 175 23.60 -8.53 -17.28
N VAL A 176 22.85 -7.93 -18.19
CA VAL A 176 22.25 -6.62 -17.92
C VAL A 176 21.28 -6.71 -16.75
N MET A 177 20.48 -7.78 -16.71
CA MET A 177 19.52 -7.95 -15.63
C MET A 177 20.22 -8.04 -14.27
N ARG A 178 21.29 -8.82 -14.19
CA ARG A 178 22.00 -8.94 -12.93
C ARG A 178 22.62 -7.62 -12.50
N LYS A 179 23.31 -6.95 -13.43
CA LYS A 179 23.99 -5.71 -13.05
C LYS A 179 23.04 -4.55 -12.85
N THR A 180 21.79 -4.66 -13.30
CA THR A 180 20.78 -3.67 -12.95
C THR A 180 20.19 -3.97 -11.58
N LYS A 181 19.99 -5.24 -11.26
CA LYS A 181 19.46 -5.60 -9.94
C LYS A 181 20.41 -5.17 -8.84
N ASP A 182 21.72 -5.37 -9.03
CA ASP A 182 22.68 -4.94 -8.02
C ASP A 182 22.60 -3.44 -7.77
N GLY A 183 22.57 -2.66 -8.84
CA GLY A 183 22.50 -1.21 -8.69
C GLY A 183 21.23 -0.75 -8.02
N GLN A 184 20.10 -1.35 -8.38
CA GLN A 184 18.84 -0.97 -7.73
C GLN A 184 18.87 -1.28 -6.24
N ALA A 185 19.41 -2.44 -5.88
CA ALA A 185 19.51 -2.79 -4.46
C ALA A 185 20.43 -1.82 -3.72
N ALA A 186 21.46 -1.31 -4.39
CA ALA A 186 22.32 -0.31 -3.74
C ALA A 186 21.61 1.03 -3.60
N VAL A 187 20.84 1.43 -4.60
CA VAL A 187 20.23 2.76 -4.61
C VAL A 187 19.06 2.87 -3.62
N GLU A 188 18.32 1.77 -3.43
CA GLU A 188 17.08 1.85 -2.65
C GLU A 188 17.31 2.42 -1.25
N LYS A 189 18.47 2.16 -0.64
CA LYS A 189 18.69 2.63 0.71
C LYS A 189 18.76 4.16 0.77
N HIS A 190 19.50 4.78 -0.14
CA HIS A 190 19.57 6.24 -0.16
C HIS A 190 18.21 6.83 -0.54
N HIS A 191 17.50 6.18 -1.47
CA HIS A 191 16.17 6.66 -1.84
C HIS A 191 15.24 6.70 -0.63
N HIS A 192 15.22 5.60 0.13
CA HIS A 192 14.36 5.52 1.30
C HIS A 192 14.79 6.52 2.37
N LYS A 193 16.09 6.72 2.54
CA LYS A 193 16.56 7.71 3.51
C LYS A 193 16.07 9.10 3.14
N LEU A 194 16.21 9.48 1.86
CA LEU A 194 15.73 10.79 1.42
C LEU A 194 14.25 10.98 1.71
N PHE A 195 13.43 10.00 1.30
CA PHE A 195 11.99 10.22 1.42
C PHE A 195 11.52 10.14 2.86
N GLU A 196 12.16 9.29 3.68
CA GLU A 196 11.84 9.27 5.10
C GLU A 196 12.16 10.61 5.75
N HIS A 197 13.31 11.21 5.40
CA HIS A 197 13.62 12.52 5.95
C HIS A 197 12.61 13.56 5.52
N VAL A 198 12.22 13.55 4.24
CA VAL A 198 11.23 14.53 3.77
C VAL A 198 9.93 14.40 4.54
N SER A 199 9.44 13.17 4.69
CA SER A 199 8.18 12.97 5.39
C SER A 199 8.27 13.38 6.85
N ASP A 200 9.35 12.99 7.53
CA ASP A 200 9.49 13.33 8.95
C ASP A 200 9.60 14.83 9.16
N THR A 201 10.33 15.54 8.31
CA THR A 201 10.48 16.97 8.53
C THR A 201 9.24 17.75 8.12
N ILE A 202 8.50 17.29 7.10
CA ILE A 202 7.28 18.00 6.74
C ILE A 202 6.20 17.78 7.79
N SER A 203 6.11 16.56 8.33
CA SER A 203 5.09 16.29 9.34
C SER A 203 5.26 17.17 10.57
N ASN A 204 6.51 17.32 11.03
CA ASN A 204 6.80 18.17 12.20
C ASN A 204 7.22 19.56 11.75
N VAL A 205 6.32 20.22 11.01
CA VAL A 205 6.62 21.54 10.48
C VAL A 205 6.69 22.58 11.60
N SER A 206 5.84 22.43 12.62
CA SER A 206 5.79 23.42 13.69
C SER A 206 7.12 23.48 14.44
N VAL A 207 7.68 22.33 14.78
CA VAL A 207 8.96 22.30 15.49
C VAL A 207 10.06 22.91 14.63
N VAL A 208 10.08 22.56 13.34
CA VAL A 208 11.10 23.09 12.44
C VAL A 208 11.02 24.62 12.38
N GLN A 209 9.79 25.15 12.24
CA GLN A 209 9.64 26.59 12.10
C GLN A 209 9.89 27.33 13.41
N SER A 210 9.65 26.66 14.54
CA SER A 210 9.80 27.33 15.83
C SER A 210 11.25 27.50 16.26
N TYR A 211 12.19 26.81 15.62
CA TYR A 211 13.59 26.84 16.04
C TYR A 211 14.52 27.33 14.94
N ASN A 212 14.00 27.94 13.88
CA ASN A 212 14.80 28.47 12.78
C ASN A 212 15.68 27.39 12.16
N ARG A 213 15.11 26.20 11.95
CA ARG A 213 15.83 25.07 11.41
C ARG A 213 15.58 24.87 9.92
N ILE A 214 14.97 25.83 9.25
CA ILE A 214 14.64 25.68 7.83
C ILE A 214 15.91 25.51 7.00
N ALA A 215 16.92 26.36 7.27
CA ALA A 215 18.16 26.27 6.51
C ALA A 215 18.85 24.94 6.72
N SER A 216 18.90 24.46 7.97
CA SER A 216 19.56 23.18 8.25
C SER A 216 18.84 22.02 7.56
N GLU A 217 17.51 22.02 7.61
CA GLU A 217 16.76 20.96 6.96
C GLU A 217 16.94 20.98 5.45
N THR A 218 16.93 22.18 4.85
CA THR A 218 17.15 22.27 3.41
C THR A 218 18.54 21.79 3.04
N GLN A 219 19.55 22.15 3.84
CA GLN A 219 20.91 21.69 3.56
C GLN A 219 21.02 20.18 3.67
N ALA A 220 20.37 19.59 4.67
CA ALA A 220 20.37 18.14 4.80
C ALA A 220 19.70 17.47 3.61
N LEU A 221 18.60 18.05 3.13
CA LEU A 221 17.92 17.50 1.97
C LEU A 221 18.80 17.57 0.73
N ARG A 222 19.52 18.69 0.56
CA ARG A 222 20.42 18.80 -0.58
C ARG A 222 21.55 17.78 -0.49
N ASP A 223 22.06 17.54 0.72
CA ASP A 223 23.08 16.52 0.89
C ASP A 223 22.55 15.14 0.52
N TYR A 224 21.33 14.82 0.94
CA TYR A 224 20.75 13.52 0.59
C TYR A 224 20.53 13.40 -0.92
N ALA A 225 20.12 14.49 -1.56
CA ALA A 225 19.94 14.47 -3.01
C ALA A 225 21.26 14.22 -3.73
N LYS A 226 22.34 14.87 -3.26
CA LYS A 226 23.64 14.62 -3.84
C LYS A 226 24.08 13.18 -3.63
N ASN A 227 23.74 12.61 -2.47
CA ASN A 227 24.03 11.20 -2.24
C ASN A 227 23.30 10.31 -3.23
N LEU A 228 22.03 10.60 -3.52
CA LEU A 228 21.33 9.85 -4.56
C LEU A 228 21.98 10.00 -5.92
N GLU A 229 22.39 11.21 -6.28
CA GLU A 229 23.03 11.39 -7.58
C GLU A 229 24.30 10.55 -7.68
N ASN A 230 25.11 10.56 -6.61
CA ASN A 230 26.33 9.76 -6.61
C ASN A 230 26.03 8.27 -6.68
N ALA A 231 25.00 7.82 -5.96
CA ALA A 231 24.67 6.40 -5.95
C ALA A 231 24.07 5.95 -7.29
N GLN A 232 23.36 6.85 -7.98
CA GLN A 232 22.73 6.49 -9.24
C GLN A 232 23.66 6.59 -10.43
N PHE A 233 24.73 7.38 -10.34
CA PHE A 233 25.66 7.52 -11.46
C PHE A 233 26.20 6.20 -11.99
N PRO A 234 26.65 5.24 -11.17
CA PRO A 234 27.26 4.02 -11.75
C PRO A 234 26.29 3.15 -12.53
N VAL A 235 24.97 3.27 -12.32
CA VAL A 235 24.02 2.32 -12.89
C VAL A 235 23.25 2.91 -14.07
N LEU A 236 23.55 4.16 -14.46
CA LEU A 236 22.84 4.77 -15.58
C LEU A 236 23.11 4.03 -16.88
N ASN A 237 24.36 3.61 -17.09
CA ASN A 237 24.68 2.88 -18.32
C ASN A 237 23.89 1.59 -18.42
N TRP A 238 23.77 0.85 -17.33
CA TRP A 238 23.02 -0.39 -17.36
C TRP A 238 21.52 -0.15 -17.51
N TRP A 239 21.00 0.92 -16.90
CA TRP A 239 19.60 1.25 -17.11
C TRP A 239 19.32 1.58 -18.57
N ALA A 240 20.20 2.36 -19.20
CA ALA A 240 20.03 2.67 -20.62
C ALA A 240 20.12 1.42 -21.47
N LEU A 241 21.07 0.53 -21.15
CA LEU A 241 21.19 -0.71 -21.91
C LEU A 241 19.95 -1.57 -21.77
N ALA A 242 19.40 -1.67 -20.56
CA ALA A 242 18.17 -2.44 -20.37
C ALA A 242 17.02 -1.84 -21.16
N SER A 243 16.94 -0.50 -21.19
CA SER A 243 15.89 0.15 -21.97
C SER A 243 16.04 -0.14 -23.47
N GLY A 244 17.28 -0.10 -23.98
CA GLY A 244 17.48 -0.16 -25.41
C GLY A 244 17.76 -1.51 -26.04
N LEU A 245 18.01 -2.53 -25.21
CA LEU A 245 18.57 -3.78 -25.71
C LEU A 245 17.70 -4.43 -26.78
N ASN A 246 16.38 -4.31 -26.67
CA ASN A 246 15.52 -4.96 -27.64
C ASN A 246 15.74 -4.39 -29.04
N ARG A 247 15.72 -3.06 -29.16
CA ARG A 247 15.96 -2.43 -30.46
C ARG A 247 17.39 -2.66 -30.92
N MET A 248 18.35 -2.62 -29.99
CA MET A 248 19.73 -2.96 -30.33
C MET A 248 19.81 -4.31 -31.02
N ALA A 249 19.23 -5.33 -30.38
CA ALA A 249 19.35 -6.70 -30.89
C ALA A 249 18.58 -6.87 -32.19
N SER A 250 17.41 -6.26 -32.30
CA SER A 250 16.64 -6.37 -33.54
C SER A 250 17.42 -5.78 -34.70
N THR A 251 17.97 -4.57 -34.52
CA THR A 251 18.71 -3.94 -35.60
C THR A 251 19.98 -4.72 -35.94
N PHE A 252 20.70 -5.19 -34.92
CA PHE A 252 21.92 -5.94 -35.19
C PHE A 252 21.64 -7.25 -35.92
N SER A 253 20.61 -7.98 -35.50
CA SER A 253 20.25 -9.22 -36.17
C SER A 253 19.84 -8.96 -37.61
N MET A 254 19.02 -7.93 -37.83
CA MET A 254 18.60 -7.62 -39.19
C MET A 254 19.81 -7.27 -40.07
N VAL A 255 20.74 -6.48 -39.53
CA VAL A 255 21.90 -6.08 -40.31
C VAL A 255 22.76 -7.29 -40.67
N VAL A 256 23.03 -8.15 -39.70
CA VAL A 256 23.87 -9.31 -39.95
C VAL A 256 23.21 -10.24 -40.97
N VAL A 257 21.92 -10.51 -40.78
CA VAL A 257 21.21 -11.43 -41.66
C VAL A 257 21.16 -10.89 -43.08
N LEU A 258 20.85 -9.60 -43.23
CA LEU A 258 20.75 -9.02 -44.57
C LEU A 258 22.12 -8.96 -45.25
N VAL A 259 23.18 -8.64 -44.50
CA VAL A 259 24.51 -8.60 -45.10
C VAL A 259 24.93 -9.97 -45.59
N LEU A 260 24.73 -11.00 -44.76
CA LEU A 260 25.06 -12.35 -45.20
C LEU A 260 24.18 -12.78 -46.36
N GLY A 261 22.90 -12.40 -46.35
CA GLY A 261 22.03 -12.76 -47.45
C GLY A 261 22.46 -12.13 -48.77
N ALA A 262 22.82 -10.86 -48.74
CA ALA A 262 23.33 -10.21 -49.95
C ALA A 262 24.63 -10.85 -50.41
N TYR A 263 25.52 -11.17 -49.47
CA TYR A 263 26.78 -11.79 -49.83
C TYR A 263 26.55 -13.14 -50.49
N PHE A 264 25.61 -13.94 -49.97
CA PHE A 264 25.35 -15.25 -50.56
C PHE A 264 24.61 -15.14 -51.89
N VAL A 265 23.69 -14.19 -52.01
CA VAL A 265 22.95 -14.03 -53.25
C VAL A 265 23.88 -13.56 -54.37
N THR A 266 24.84 -12.71 -54.03
CA THR A 266 25.82 -12.28 -55.02
C THR A 266 26.58 -13.46 -55.61
N LYS A 267 26.74 -14.53 -54.84
CA LYS A 267 27.40 -15.74 -55.32
C LYS A 267 26.44 -16.72 -55.96
N GLY A 268 25.14 -16.41 -56.00
CA GLY A 268 24.19 -17.26 -56.68
C GLY A 268 23.70 -18.47 -55.91
N GLN A 269 24.08 -18.61 -54.64
CA GLN A 269 23.68 -19.76 -53.83
C GLN A 269 22.40 -19.51 -53.04
N MET A 270 21.72 -18.39 -53.28
CA MET A 270 20.58 -18.00 -52.47
C MET A 270 19.68 -17.11 -53.31
N ARG A 271 18.43 -16.96 -52.87
CA ARG A 271 17.45 -16.16 -53.59
C ARG A 271 16.81 -15.17 -52.63
N VAL A 272 16.08 -14.21 -53.20
CA VAL A 272 15.56 -13.10 -52.42
C VAL A 272 14.59 -13.59 -51.35
N GLY A 273 13.71 -14.53 -51.71
CA GLY A 273 12.72 -15.01 -50.76
C GLY A 273 13.35 -15.62 -49.53
N ASP A 274 14.46 -16.35 -49.71
CA ASP A 274 15.13 -16.95 -48.57
C ASP A 274 15.80 -15.93 -47.67
N VAL A 275 16.02 -14.70 -48.15
CA VAL A 275 16.53 -13.64 -47.30
C VAL A 275 15.39 -12.92 -46.58
N ILE A 276 14.30 -12.64 -47.30
CA ILE A 276 13.14 -12.01 -46.67
C ILE A 276 12.55 -12.92 -45.62
N ALA A 277 12.68 -14.24 -45.80
CA ALA A 277 12.21 -15.17 -44.78
C ALA A 277 13.09 -15.10 -43.53
N PHE A 278 14.41 -15.07 -43.70
CA PHE A 278 15.29 -15.12 -42.55
C PHE A 278 15.29 -13.81 -41.77
N ILE A 279 15.04 -12.69 -42.45
CA ILE A 279 14.90 -11.43 -41.72
C ILE A 279 13.73 -11.52 -40.75
N GLY A 280 12.59 -12.03 -41.22
CA GLY A 280 11.45 -12.20 -40.35
C GLY A 280 11.70 -13.23 -39.26
N PHE A 281 12.41 -14.31 -39.59
CA PHE A 281 12.77 -15.30 -38.59
C PHE A 281 13.56 -14.66 -37.46
N ALA A 282 14.57 -13.86 -37.81
CA ALA A 282 15.39 -13.21 -36.80
C ALA A 282 14.57 -12.24 -35.96
N GLN A 283 13.69 -11.46 -36.60
CA GLN A 283 12.89 -10.49 -35.87
C GLN A 283 11.99 -11.19 -34.85
N LEU A 284 11.26 -12.23 -35.29
CA LEU A 284 10.36 -12.91 -34.35
C LEU A 284 11.13 -13.66 -33.28
N MET A 285 12.29 -14.22 -33.62
CA MET A 285 13.10 -14.87 -32.61
C MET A 285 13.53 -13.90 -31.52
N ILE A 286 13.95 -12.70 -31.92
CA ILE A 286 14.38 -11.71 -30.93
C ILE A 286 13.20 -11.31 -30.04
N GLY A 287 12.05 -11.03 -30.65
CA GLY A 287 10.89 -10.62 -29.86
C GLY A 287 10.47 -11.68 -28.85
N ARG A 288 10.37 -12.93 -29.31
CA ARG A 288 9.90 -13.99 -28.42
C ARG A 288 10.95 -14.32 -27.36
N LEU A 289 12.24 -14.22 -27.68
CA LEU A 289 13.26 -14.42 -26.66
C LEU A 289 13.15 -13.37 -25.57
N ASP A 290 12.94 -12.11 -25.95
CA ASP A 290 12.76 -11.07 -24.93
C ASP A 290 11.55 -11.36 -24.05
N GLN A 291 10.42 -11.73 -24.67
CA GLN A 291 9.21 -11.99 -23.90
C GLN A 291 9.42 -13.14 -22.91
N ILE A 292 10.02 -14.23 -23.37
CA ILE A 292 10.17 -15.38 -22.48
C ILE A 292 11.21 -15.10 -21.40
N SER A 293 12.23 -14.28 -21.67
CA SER A 293 13.16 -13.89 -20.63
C SER A 293 12.48 -13.09 -19.54
N ALA A 294 11.62 -12.14 -19.92
CA ALA A 294 10.86 -11.40 -18.93
C ALA A 294 9.96 -12.33 -18.12
N PHE A 295 9.33 -13.29 -18.79
CA PHE A 295 8.49 -14.25 -18.08
C PHE A 295 9.29 -15.05 -17.05
N ILE A 296 10.48 -15.52 -17.44
CA ILE A 296 11.31 -16.29 -16.52
C ILE A 296 11.69 -15.43 -15.32
N ASN A 297 12.03 -14.17 -15.56
CA ASN A 297 12.33 -13.26 -14.44
C ASN A 297 11.14 -13.17 -13.49
N GLN A 298 9.94 -12.97 -14.03
CA GLN A 298 8.76 -12.83 -13.17
C GLN A 298 8.51 -14.10 -12.37
N THR A 299 8.66 -15.27 -12.99
CA THR A 299 8.44 -16.51 -12.26
C THR A 299 9.48 -16.71 -11.17
N VAL A 300 10.75 -16.34 -11.45
CA VAL A 300 11.79 -16.44 -10.44
C VAL A 300 11.48 -15.53 -9.26
N THR A 301 10.97 -14.33 -9.54
CA THR A 301 10.58 -13.44 -8.45
C THR A 301 9.45 -14.03 -7.63
N ALA A 302 8.46 -14.64 -8.28
CA ALA A 302 7.28 -15.15 -7.58
C ALA A 302 7.50 -16.50 -6.90
N ARG A 303 8.61 -17.17 -7.20
CA ARG A 303 8.87 -18.48 -6.60
C ARG A 303 8.86 -18.43 -5.08
N ALA A 304 9.33 -17.33 -4.48
CA ALA A 304 9.41 -17.27 -3.03
C ALA A 304 8.05 -17.42 -2.39
N LYS A 305 7.03 -16.77 -2.94
CA LYS A 305 5.67 -16.91 -2.42
C LYS A 305 5.03 -18.22 -2.87
N LEU A 306 5.35 -18.70 -4.08
CA LEU A 306 4.72 -19.92 -4.55
C LEU A 306 5.11 -21.14 -3.73
N GLU A 307 6.39 -21.25 -3.35
CA GLU A 307 6.80 -22.37 -2.50
C GLU A 307 6.09 -22.33 -1.17
N GLU A 308 5.94 -21.15 -0.58
CA GLU A 308 5.22 -21.04 0.69
C GLU A 308 3.77 -21.46 0.55
N PHE A 309 3.12 -21.05 -0.55
CA PHE A 309 1.74 -21.45 -0.78
C PHE A 309 1.62 -22.96 -0.90
N PHE A 310 2.51 -23.59 -1.66
CA PHE A 310 2.43 -25.03 -1.83
C PHE A 310 2.71 -25.75 -0.51
N GLN A 311 3.65 -25.23 0.28
CA GLN A 311 3.91 -25.82 1.59
C GLN A 311 2.68 -25.74 2.49
N MET A 312 2.03 -24.58 2.51
CA MET A 312 0.83 -24.42 3.34
C MET A 312 -0.28 -25.34 2.86
N GLU A 313 -0.48 -25.45 1.55
CA GLU A 313 -1.54 -26.30 1.03
C GLU A 313 -1.27 -27.77 1.34
N ASP A 314 -0.01 -28.20 1.24
CA ASP A 314 0.31 -29.58 1.60
C ASP A 314 0.12 -29.82 3.09
N ALA A 315 0.51 -28.86 3.93
CA ALA A 315 0.33 -29.02 5.37
C ALA A 315 -1.15 -29.06 5.74
N THR A 316 -1.94 -28.17 5.15
CA THR A 316 -3.37 -28.05 5.46
C THR A 316 -4.22 -28.87 4.50
N ALA A 317 -3.90 -30.16 4.35
CA ALA A 317 -4.54 -31.00 3.35
C ALA A 317 -5.32 -32.17 3.93
N ASP A 318 -4.90 -32.71 5.07
CA ASP A 318 -5.53 -33.90 5.63
C ASP A 318 -5.91 -33.67 7.08
N ARG A 319 -7.10 -34.12 7.46
CA ARG A 319 -7.59 -34.14 8.82
C ARG A 319 -7.86 -35.59 9.22
N GLN A 320 -8.50 -35.76 10.38
CA GLN A 320 -8.92 -37.09 10.79
C GLN A 320 -9.90 -37.66 9.76
N GLU A 321 -9.86 -38.97 9.59
CA GLU A 321 -10.67 -39.62 8.58
C GLU A 321 -12.16 -39.41 8.90
N PRO A 322 -12.95 -38.91 7.94
CA PRO A 322 -14.37 -38.68 8.21
C PRO A 322 -15.09 -39.98 8.57
N GLU A 323 -16.00 -39.88 9.54
CA GLU A 323 -16.79 -41.01 9.98
C GLU A 323 -17.96 -40.50 10.80
N ASN A 324 -19.04 -41.28 10.82
CA ASN A 324 -20.24 -40.93 11.59
C ASN A 324 -20.05 -41.42 13.02
N VAL A 325 -19.15 -40.73 13.74
CA VAL A 325 -18.88 -41.07 15.13
C VAL A 325 -20.12 -40.77 15.97
N ALA A 326 -20.24 -41.47 17.10
CA ALA A 326 -21.41 -41.33 17.95
C ALA A 326 -21.42 -39.99 18.65
N ASP A 327 -22.07 -39.00 18.05
CA ASP A 327 -22.18 -37.69 18.66
C ASP A 327 -23.17 -37.74 19.83
N LEU A 328 -22.86 -36.96 20.87
CA LEU A 328 -23.75 -36.92 22.03
C LEU A 328 -25.06 -36.24 21.66
N ASN A 329 -26.16 -36.78 22.18
CA ASN A 329 -27.49 -36.27 21.90
C ASN A 329 -28.27 -36.14 23.20
N ASP A 330 -29.16 -35.16 23.24
CA ASP A 330 -29.95 -34.83 24.43
C ASP A 330 -29.04 -34.60 25.63
N VAL A 331 -28.10 -33.67 25.46
CA VAL A 331 -27.13 -33.39 26.50
C VAL A 331 -27.82 -32.79 27.71
N LYS A 332 -27.48 -33.31 28.89
CA LYS A 332 -28.08 -32.87 30.15
C LYS A 332 -27.09 -32.15 31.06
N GLY A 333 -25.83 -32.58 31.07
CA GLY A 333 -24.78 -31.84 31.75
C GLY A 333 -24.20 -32.50 32.98
N ASP A 334 -23.06 -33.16 32.82
CA ASP A 334 -22.29 -33.70 33.94
C ASP A 334 -20.85 -33.89 33.49
N ILE A 335 -19.99 -32.92 33.84
CA ILE A 335 -18.67 -32.81 33.25
C ILE A 335 -17.64 -33.23 34.29
N VAL A 336 -16.86 -34.27 34.00
CA VAL A 336 -15.80 -34.69 34.91
C VAL A 336 -14.47 -34.65 34.17
N PHE A 337 -13.46 -34.09 34.83
CA PHE A 337 -12.08 -34.08 34.34
C PHE A 337 -11.25 -34.94 35.28
N ASP A 338 -10.39 -35.79 34.72
CA ASP A 338 -9.57 -36.70 35.51
C ASP A 338 -8.15 -36.69 34.97
N ASN A 339 -7.20 -36.19 35.78
CA ASN A 339 -5.77 -36.38 35.54
C ASN A 339 -5.31 -35.75 34.22
N VAL A 340 -6.00 -34.72 33.76
CA VAL A 340 -5.67 -34.11 32.48
C VAL A 340 -4.46 -33.23 32.63
N THR A 341 -3.59 -33.25 31.62
CA THR A 341 -2.35 -32.47 31.63
C THR A 341 -1.97 -32.16 30.19
N TYR A 342 -1.47 -30.94 29.96
CA TYR A 342 -1.10 -30.51 28.62
C TYR A 342 0.12 -29.60 28.69
N GLU A 343 0.86 -29.56 27.59
CA GLU A 343 2.04 -28.71 27.44
C GLU A 343 1.72 -27.69 26.35
N PHE A 344 1.45 -26.45 26.74
CA PHE A 344 1.07 -25.44 25.76
C PHE A 344 2.27 -25.05 24.88
N PRO A 345 3.34 -24.43 25.41
CA PRO A 345 4.44 -24.04 24.53
C PRO A 345 5.47 -25.15 24.34
N ASN A 346 5.00 -26.39 24.16
CA ASN A 346 5.83 -27.57 23.95
C ASN A 346 6.84 -27.81 25.06
N SER A 347 6.74 -27.06 26.17
CA SER A 347 7.67 -27.18 27.29
C SER A 347 7.11 -26.38 28.45
N GLY A 348 7.21 -26.92 29.66
CA GLY A 348 6.67 -26.25 30.82
C GLY A 348 5.16 -26.39 30.91
N GLN A 349 4.69 -27.61 31.09
CA GLN A 349 3.26 -27.88 31.16
C GLN A 349 2.60 -27.06 32.26
N GLY A 350 1.48 -26.43 31.94
CA GLY A 350 0.78 -25.58 32.88
C GLY A 350 0.03 -26.35 33.95
N VAL A 351 -1.01 -27.06 33.55
CA VAL A 351 -1.87 -27.78 34.49
C VAL A 351 -1.15 -29.04 34.97
N TYR A 352 -1.32 -29.36 36.25
CA TYR A 352 -0.67 -30.52 36.87
C TYR A 352 -1.76 -31.45 37.42
N ASP A 353 -2.27 -32.34 36.55
CA ASP A 353 -3.11 -33.46 36.96
C ASP A 353 -4.29 -33.00 37.80
N VAL A 354 -5.17 -32.24 37.16
CA VAL A 354 -6.35 -31.72 37.83
C VAL A 354 -7.50 -32.70 37.65
N SER A 355 -8.40 -32.74 38.63
CA SER A 355 -9.55 -33.62 38.58
C SER A 355 -10.71 -32.96 39.31
N PHE A 356 -11.88 -32.93 38.68
CA PHE A 356 -13.04 -32.29 39.27
C PHE A 356 -14.31 -32.81 38.62
N GLU A 357 -15.44 -32.50 39.25
CA GLU A 357 -16.76 -32.94 38.84
C GLU A 357 -17.71 -31.75 38.82
N VAL A 358 -18.60 -31.72 37.83
CA VAL A 358 -19.62 -30.68 37.68
C VAL A 358 -20.96 -31.36 37.45
N LYS A 359 -21.90 -31.13 38.38
CA LYS A 359 -23.22 -31.74 38.46
C LYS A 359 -24.25 -30.98 37.64
N PRO A 360 -25.39 -31.62 37.35
CA PRO A 360 -26.46 -30.93 36.63
C PRO A 360 -26.95 -29.70 37.38
N GLY A 361 -27.32 -28.68 36.61
CA GLY A 361 -27.93 -27.49 37.17
C GLY A 361 -27.05 -26.68 38.09
N GLN A 362 -25.75 -26.93 38.10
CA GLN A 362 -24.83 -26.24 39.01
C GLN A 362 -23.90 -25.34 38.21
N THR A 363 -23.66 -24.14 38.73
CA THR A 363 -22.73 -23.20 38.14
C THR A 363 -21.39 -23.28 38.85
N VAL A 364 -20.32 -23.20 38.08
CA VAL A 364 -18.96 -23.32 38.59
C VAL A 364 -18.19 -22.06 38.22
N ALA A 365 -17.57 -21.43 39.22
CA ALA A 365 -16.76 -20.25 39.02
C ALA A 365 -15.32 -20.58 39.35
N ILE A 366 -14.42 -20.33 38.40
CA ILE A 366 -13.00 -20.62 38.56
C ILE A 366 -12.26 -19.30 38.78
N VAL A 367 -11.45 -19.25 39.84
CA VAL A 367 -10.73 -18.05 40.22
C VAL A 367 -9.27 -18.39 40.42
N GLY A 368 -8.39 -17.48 40.03
CA GLY A 368 -6.96 -17.66 40.17
C GLY A 368 -6.21 -16.37 39.91
N PRO A 369 -4.91 -16.36 40.20
CA PRO A 369 -4.11 -15.15 39.97
C PRO A 369 -3.47 -15.13 38.59
N THR A 370 -2.15 -15.24 38.54
CA THR A 370 -1.42 -15.23 37.28
C THR A 370 -1.43 -16.59 36.58
N GLY A 371 -1.92 -17.63 37.23
CA GLY A 371 -1.97 -18.96 36.64
C GLY A 371 -2.83 -19.01 35.40
N ALA A 372 -2.25 -19.47 34.30
CA ALA A 372 -2.96 -19.57 33.03
C ALA A 372 -3.60 -20.93 32.81
N GLY A 373 -3.52 -21.83 33.79
CA GLY A 373 -4.10 -23.15 33.64
C GLY A 373 -5.61 -23.18 33.54
N LYS A 374 -6.28 -22.14 34.06
CA LYS A 374 -7.73 -22.08 33.94
C LYS A 374 -8.16 -21.88 32.48
N THR A 375 -7.42 -21.06 31.73
CA THR A 375 -7.71 -20.89 30.32
C THR A 375 -7.48 -22.19 29.55
N THR A 376 -6.41 -22.92 29.90
CA THR A 376 -6.18 -24.21 29.27
C THR A 376 -7.30 -25.19 29.60
N LEU A 377 -7.79 -25.16 30.84
CA LEU A 377 -8.92 -26.00 31.21
C LEU A 377 -10.16 -25.65 30.40
N ILE A 378 -10.41 -24.36 30.21
CA ILE A 378 -11.56 -23.93 29.41
C ILE A 378 -11.40 -24.41 27.97
N ASN A 379 -10.20 -24.30 27.42
CA ASN A 379 -9.96 -24.77 26.06
C ASN A 379 -10.17 -26.28 25.96
N LEU A 380 -9.72 -27.02 26.97
CA LEU A 380 -9.95 -28.47 26.98
C LEU A 380 -11.43 -28.80 27.09
N LEU A 381 -12.20 -27.98 27.80
CA LEU A 381 -13.64 -28.19 27.86
C LEU A 381 -14.27 -28.08 26.49
N GLN A 382 -13.86 -27.08 25.71
CA GLN A 382 -14.30 -26.96 24.32
C GLN A 382 -13.60 -27.93 23.39
N ARG A 383 -12.59 -28.64 23.89
CA ARG A 383 -11.79 -29.58 23.10
C ARG A 383 -11.14 -28.86 21.91
N VAL A 384 -10.43 -27.79 22.24
CA VAL A 384 -9.63 -27.10 21.23
C VAL A 384 -8.44 -27.96 20.83
N PHE A 385 -7.76 -28.54 21.80
CA PHE A 385 -6.65 -29.46 21.58
C PHE A 385 -6.84 -30.71 22.41
N ASP A 386 -6.57 -31.86 21.80
CA ASP A 386 -6.75 -33.13 22.50
C ASP A 386 -5.76 -33.25 23.65
N PRO A 387 -6.21 -33.68 24.83
CA PRO A 387 -5.28 -33.81 25.97
C PRO A 387 -4.32 -34.96 25.76
N ALA A 388 -3.03 -34.69 26.00
CA ALA A 388 -2.04 -35.76 25.93
C ALA A 388 -2.26 -36.80 27.02
N ALA A 389 -2.62 -36.35 28.22
CA ALA A 389 -2.90 -37.22 29.35
C ALA A 389 -4.23 -36.82 29.99
N GLY A 390 -4.84 -37.77 30.68
CA GLY A 390 -6.10 -37.52 31.35
C GLY A 390 -7.30 -37.77 30.46
N ARG A 391 -8.47 -37.66 31.06
CA ARG A 391 -9.72 -37.94 30.37
C ARG A 391 -10.78 -36.93 30.77
N ILE A 392 -11.75 -36.74 29.87
CA ILE A 392 -12.91 -35.89 30.09
C ILE A 392 -14.15 -36.70 29.77
N MET A 393 -15.10 -36.72 30.69
CA MET A 393 -16.33 -37.49 30.51
C MET A 393 -17.54 -36.59 30.63
N ILE A 394 -18.43 -36.70 29.65
CA ILE A 394 -19.72 -36.03 29.62
C ILE A 394 -20.79 -37.06 29.24
N ASP A 395 -21.88 -37.08 30.02
CA ASP A 395 -23.04 -37.93 29.76
C ASP A 395 -22.68 -39.40 29.59
N GLY A 396 -21.58 -39.85 30.21
CA GLY A 396 -21.14 -41.22 30.03
C GLY A 396 -20.51 -41.53 28.69
N THR A 397 -20.16 -40.51 27.91
CA THR A 397 -19.57 -40.69 26.58
C THR A 397 -18.27 -39.91 26.51
N ASP A 398 -17.25 -40.55 25.91
CA ASP A 398 -15.96 -39.90 25.75
C ASP A 398 -16.07 -38.71 24.81
N THR A 399 -15.41 -37.61 25.19
CA THR A 399 -15.38 -36.44 24.33
C THR A 399 -14.62 -36.70 23.04
N ARG A 400 -13.62 -37.58 23.09
CA ARG A 400 -12.85 -37.93 21.89
C ARG A 400 -13.67 -38.72 20.88
N THR A 401 -14.84 -39.24 21.27
CA THR A 401 -15.70 -39.99 20.37
C THR A 401 -17.01 -39.25 20.07
N VAL A 402 -16.96 -37.92 20.05
CA VAL A 402 -18.12 -37.09 19.78
C VAL A 402 -17.78 -36.15 18.64
N SER A 403 -18.71 -36.01 17.69
CA SER A 403 -18.47 -35.16 16.53
C SER A 403 -18.34 -33.71 16.96
N ARG A 404 -17.44 -32.98 16.28
CA ARG A 404 -17.25 -31.57 16.59
C ARG A 404 -18.49 -30.76 16.28
N ARG A 405 -19.22 -31.13 15.22
CA ARG A 405 -20.42 -30.38 14.85
C ARG A 405 -21.49 -30.41 15.93
N SER A 406 -21.46 -31.42 16.81
CA SER A 406 -22.38 -31.48 17.93
C SER A 406 -21.78 -30.86 19.19
N LEU A 407 -20.49 -31.06 19.42
CA LEU A 407 -19.83 -30.50 20.59
C LEU A 407 -19.85 -28.97 20.55
N ARG A 408 -19.60 -28.38 19.37
CA ARG A 408 -19.66 -26.93 19.25
C ARG A 408 -21.07 -26.42 19.53
N HIS A 409 -22.09 -27.14 19.05
CA HIS A 409 -23.47 -26.74 19.28
C HIS A 409 -23.85 -26.86 20.75
N ALA A 410 -23.30 -27.85 21.46
CA ALA A 410 -23.73 -28.11 22.83
C ALA A 410 -23.24 -27.05 23.82
N ILE A 411 -22.22 -26.28 23.46
CA ILE A 411 -21.64 -25.30 24.38
C ILE A 411 -21.65 -23.93 23.71
N ALA A 412 -22.13 -22.92 24.43
CA ALA A 412 -22.02 -21.53 24.02
C ALA A 412 -21.03 -20.84 24.94
N THR A 413 -19.97 -20.29 24.36
CA THR A 413 -18.89 -19.68 25.13
C THR A 413 -18.66 -18.27 24.63
N VAL A 414 -18.64 -17.31 25.57
CA VAL A 414 -18.27 -15.94 25.26
C VAL A 414 -17.04 -15.59 26.10
N PHE A 415 -16.04 -14.99 25.46
CA PHE A 415 -14.74 -14.77 26.07
C PHE A 415 -14.41 -13.27 26.07
N GLN A 416 -13.17 -12.97 26.47
CA GLN A 416 -12.79 -11.59 26.80
C GLN A 416 -12.90 -10.67 25.59
N ASP A 417 -12.38 -11.09 24.44
CA ASP A 417 -12.33 -10.25 23.25
C ASP A 417 -13.17 -10.91 22.15
N ALA A 418 -14.46 -10.66 22.18
CA ALA A 418 -15.35 -11.21 21.17
C ALA A 418 -15.12 -10.53 19.83
N GLY A 419 -15.24 -11.30 18.76
CA GLY A 419 -15.06 -10.79 17.40
C GLY A 419 -16.40 -10.71 16.69
N LEU A 420 -16.57 -9.64 15.93
CA LEU A 420 -17.78 -9.41 15.16
C LEU A 420 -17.43 -9.19 13.70
N PHE A 421 -18.26 -9.72 12.80
CA PHE A 421 -18.03 -9.54 11.39
C PHE A 421 -18.31 -8.10 10.98
N ASN A 422 -17.96 -7.79 9.73
CA ASN A 422 -18.19 -6.46 9.20
C ASN A 422 -19.59 -6.35 8.56
N ARG A 423 -20.52 -7.18 9.02
CA ARG A 423 -21.90 -7.12 8.54
C ARG A 423 -22.71 -6.21 9.46
N SER A 424 -24.03 -6.22 9.27
CA SER A 424 -24.90 -5.43 10.13
C SER A 424 -24.96 -6.04 11.53
N VAL A 425 -25.36 -5.21 12.49
CA VAL A 425 -25.49 -5.68 13.87
C VAL A 425 -26.53 -6.79 13.95
N GLU A 426 -27.62 -6.66 13.19
CA GLU A 426 -28.61 -7.74 13.13
C GLU A 426 -27.99 -9.02 12.57
N ASP A 427 -27.16 -8.89 11.54
CA ASP A 427 -26.49 -10.07 10.97
C ASP A 427 -25.55 -10.71 11.98
N ASN A 428 -24.81 -9.89 12.73
CA ASN A 428 -23.93 -10.42 13.77
C ASN A 428 -24.73 -11.15 14.85
N ILE A 429 -25.87 -10.60 15.25
CA ILE A 429 -26.70 -11.26 16.25
C ILE A 429 -27.27 -12.56 15.70
N ARG A 430 -27.59 -12.59 14.41
CA ARG A 430 -28.32 -13.71 13.82
C ARG A 430 -27.56 -15.02 13.86
N VAL A 431 -26.23 -14.99 14.01
CA VAL A 431 -25.44 -16.21 13.91
C VAL A 431 -25.66 -17.16 15.08
N GLY A 432 -26.45 -16.76 16.08
CA GLY A 432 -26.74 -17.66 17.18
C GLY A 432 -27.50 -18.89 16.74
N ARG A 433 -28.54 -18.71 15.93
CA ARG A 433 -29.29 -19.81 15.33
C ARG A 433 -28.92 -19.93 13.87
N ALA A 434 -29.11 -21.12 13.32
CA ALA A 434 -28.87 -21.33 11.89
C ALA A 434 -29.89 -20.54 11.06
N ASN A 435 -31.18 -20.71 11.37
CA ASN A 435 -32.24 -20.02 10.65
C ASN A 435 -32.76 -18.81 11.41
N ALA A 436 -33.24 -19.02 12.63
CA ALA A 436 -33.81 -17.97 13.49
C ALA A 436 -34.92 -17.24 12.75
N THR A 437 -35.25 -16.04 13.19
CA THR A 437 -36.19 -15.13 12.56
C THR A 437 -35.98 -13.76 13.19
N HIS A 438 -36.81 -12.79 12.81
CA HIS A 438 -36.67 -11.43 13.30
C HIS A 438 -37.39 -11.20 14.62
N GLU A 439 -38.13 -12.19 15.12
CA GLU A 439 -38.95 -12.01 16.31
C GLU A 439 -38.12 -12.11 17.59
N GLU A 440 -37.48 -13.26 17.82
CA GLU A 440 -36.74 -13.46 19.06
C GLU A 440 -35.46 -12.64 19.14
N VAL A 441 -35.02 -12.03 18.05
CA VAL A 441 -33.84 -11.18 18.10
C VAL A 441 -34.08 -9.99 19.02
N HIS A 442 -35.25 -9.35 18.89
CA HIS A 442 -35.58 -8.24 19.76
C HIS A 442 -35.66 -8.68 21.22
N ALA A 443 -36.24 -9.85 21.48
CA ALA A 443 -36.33 -10.35 22.84
C ALA A 443 -34.95 -10.61 23.42
N ALA A 444 -34.05 -11.19 22.63
CA ALA A 444 -32.69 -11.44 23.10
C ALA A 444 -31.96 -10.12 23.37
N ALA A 445 -32.13 -9.14 22.49
CA ALA A 445 -31.50 -7.83 22.70
C ALA A 445 -32.03 -7.17 23.97
N LYS A 446 -33.34 -7.27 24.22
CA LYS A 446 -33.92 -6.72 25.43
C LYS A 446 -33.39 -7.44 26.67
N ALA A 447 -33.22 -8.76 26.58
CA ALA A 447 -32.69 -9.51 27.71
C ALA A 447 -31.27 -9.08 28.04
N ALA A 448 -30.47 -8.81 27.01
CA ALA A 448 -29.12 -8.30 27.19
C ALA A 448 -29.07 -6.79 27.33
N ALA A 449 -30.23 -6.13 27.31
CA ALA A 449 -30.33 -4.67 27.43
C ALA A 449 -29.56 -3.96 26.31
N ALA A 450 -29.53 -4.56 25.12
CA ALA A 450 -28.91 -3.95 23.97
C ALA A 450 -29.93 -3.38 22.98
N HIS A 451 -31.20 -3.75 23.11
CA HIS A 451 -32.22 -3.23 22.21
C HIS A 451 -32.38 -1.73 22.36
N ASP A 452 -32.39 -1.24 23.59
CA ASP A 452 -32.56 0.20 23.82
C ASP A 452 -31.37 0.98 23.28
N PHE A 453 -30.15 0.44 23.45
CA PHE A 453 -28.96 1.14 22.99
C PHE A 453 -28.90 1.20 21.47
N ILE A 454 -29.34 0.14 20.80
CA ILE A 454 -29.18 0.02 19.35
C ILE A 454 -30.43 0.43 18.57
N LEU A 455 -31.54 0.71 19.25
CA LEU A 455 -32.77 1.03 18.54
C LEU A 455 -32.70 2.40 17.88
N ALA A 456 -32.48 3.44 18.67
CA ALA A 456 -32.47 4.80 18.14
C ALA A 456 -31.06 5.23 17.70
N LYS A 457 -30.07 5.04 18.56
CA LYS A 457 -28.72 5.47 18.26
C LYS A 457 -28.09 4.58 17.19
N SER A 458 -27.06 5.13 16.52
CA SER A 458 -26.31 4.42 15.49
C SER A 458 -27.19 4.02 14.31
N GLU A 459 -28.22 4.81 14.02
CA GLU A 459 -29.09 4.63 12.84
C GLU A 459 -29.71 3.24 12.83
N GLY A 460 -30.52 2.99 13.85
CA GLY A 460 -31.27 1.75 13.95
C GLY A 460 -30.37 0.55 14.21
N TYR A 461 -31.01 -0.61 14.28
CA TYR A 461 -30.28 -1.87 14.45
C TYR A 461 -29.99 -2.53 13.10
N ASP A 462 -29.43 -1.73 12.18
CA ASP A 462 -29.03 -2.24 10.88
C ASP A 462 -27.72 -1.65 10.38
N THR A 463 -27.03 -0.86 11.19
CA THR A 463 -25.79 -0.24 10.75
C THR A 463 -24.68 -1.27 10.61
N PHE A 464 -23.71 -0.96 9.75
CA PHE A 464 -22.58 -1.84 9.50
C PHE A 464 -21.47 -1.50 10.49
N VAL A 465 -21.30 -2.35 11.50
CA VAL A 465 -20.24 -2.15 12.47
C VAL A 465 -18.89 -2.30 11.78
N GLY A 466 -17.90 -1.53 12.24
CA GLY A 466 -16.58 -1.57 11.66
C GLY A 466 -15.90 -2.91 11.87
N GLU A 467 -14.82 -3.10 11.13
CA GLU A 467 -14.08 -4.36 11.19
C GLU A 467 -13.59 -4.62 12.61
N ARG A 468 -13.78 -5.86 13.07
CA ARG A 468 -13.43 -6.27 14.43
C ARG A 468 -14.11 -5.38 15.48
N GLY A 469 -15.31 -4.92 15.17
CA GLY A 469 -16.03 -4.04 16.09
C GLY A 469 -15.33 -2.73 16.36
N SER A 470 -14.79 -2.09 15.32
CA SER A 470 -14.07 -0.83 15.49
C SER A 470 -15.01 0.37 15.58
N GLN A 471 -16.29 0.21 15.25
CA GLN A 471 -17.25 1.29 15.33
C GLN A 471 -17.95 1.38 16.68
N LEU A 472 -17.65 0.47 17.59
CA LEU A 472 -18.29 0.43 18.91
C LEU A 472 -17.23 0.28 19.98
N SER A 473 -17.58 0.71 21.19
CA SER A 473 -16.67 0.59 22.33
C SER A 473 -16.72 -0.82 22.89
N GLY A 474 -15.83 -1.09 23.86
CA GLY A 474 -15.74 -2.42 24.43
C GLY A 474 -17.01 -2.86 25.12
N GLY A 475 -17.68 -1.95 25.82
CA GLY A 475 -18.91 -2.30 26.50
C GLY A 475 -20.02 -2.70 25.54
N GLU A 476 -20.17 -1.96 24.46
CA GLU A 476 -21.18 -2.30 23.47
C GLU A 476 -20.89 -3.63 22.80
N ARG A 477 -19.61 -3.89 22.49
CA ARG A 477 -19.23 -5.17 21.91
C ARG A 477 -19.52 -6.31 22.87
N GLN A 478 -19.21 -6.12 24.16
CA GLN A 478 -19.49 -7.16 25.14
C GLN A 478 -20.98 -7.41 25.28
N ARG A 479 -21.78 -6.33 25.26
CA ARG A 479 -23.23 -6.49 25.32
C ARG A 479 -23.75 -7.24 24.11
N LEU A 480 -23.23 -6.94 22.92
CA LEU A 480 -23.64 -7.65 21.72
C LEU A 480 -23.26 -9.13 21.79
N ALA A 481 -22.06 -9.42 22.30
CA ALA A 481 -21.64 -10.81 22.45
C ALA A 481 -22.53 -11.54 23.45
N ILE A 482 -22.90 -10.88 24.55
CA ILE A 482 -23.81 -11.49 25.51
C ILE A 482 -25.16 -11.77 24.88
N ALA A 483 -25.65 -10.82 24.08
CA ALA A 483 -26.91 -11.03 23.38
C ALA A 483 -26.84 -12.24 22.45
N ARG A 484 -25.74 -12.35 21.70
CA ARG A 484 -25.57 -13.51 20.82
C ARG A 484 -25.54 -14.80 21.61
N ALA A 485 -24.80 -14.82 22.73
CA ALA A 485 -24.68 -16.04 23.52
C ALA A 485 -26.03 -16.45 24.10
N ILE A 486 -26.80 -15.49 24.63
CA ILE A 486 -28.09 -15.83 25.19
C ILE A 486 -29.09 -16.18 24.11
N LEU A 487 -28.90 -15.67 22.88
CA LEU A 487 -29.74 -16.11 21.78
C LEU A 487 -29.42 -17.55 21.39
N LYS A 488 -28.16 -17.96 21.50
CA LYS A 488 -27.81 -19.35 21.22
C LYS A 488 -28.43 -20.30 22.25
N ASP A 489 -28.50 -19.85 23.50
CA ASP A 489 -29.15 -20.58 24.62
C ASP A 489 -28.75 -22.06 24.66
N SER A 490 -27.46 -22.33 24.52
CA SER A 490 -26.98 -23.69 24.67
C SER A 490 -27.09 -24.14 26.12
N PRO A 491 -27.35 -25.43 26.35
CA PRO A 491 -27.46 -25.90 27.74
C PRO A 491 -26.17 -25.82 28.53
N ILE A 492 -25.01 -25.74 27.88
CA ILE A 492 -23.73 -25.54 28.53
C ILE A 492 -23.23 -24.15 28.14
N LEU A 493 -22.85 -23.36 29.13
CA LEU A 493 -22.54 -21.96 28.87
C LEU A 493 -21.25 -21.56 29.59
N VAL A 494 -20.49 -20.65 28.97
CA VAL A 494 -19.20 -20.23 29.51
C VAL A 494 -19.07 -18.71 29.39
N LEU A 495 -18.73 -18.07 30.51
CA LEU A 495 -18.27 -16.69 30.55
C LEU A 495 -16.77 -16.67 30.83
N ASP A 496 -16.01 -15.91 30.02
CA ASP A 496 -14.57 -15.76 30.24
C ASP A 496 -14.23 -14.28 30.09
N GLU A 497 -14.31 -13.54 31.20
CA GLU A 497 -13.91 -12.14 31.24
C GLU A 497 -14.69 -11.30 30.23
N ALA A 498 -15.97 -11.62 30.05
CA ALA A 498 -16.81 -10.91 29.09
C ALA A 498 -17.58 -9.77 29.73
N THR A 499 -17.39 -9.50 31.01
CA THR A 499 -18.08 -8.43 31.72
C THR A 499 -17.09 -7.67 32.61
N SER A 500 -15.92 -7.37 32.07
CA SER A 500 -14.85 -6.73 32.82
C SER A 500 -14.53 -5.33 32.31
N ALA A 501 -15.44 -4.71 31.55
CA ALA A 501 -15.19 -3.39 30.99
C ALA A 501 -16.42 -2.50 31.08
N LEU A 502 -17.24 -2.67 32.11
CA LEU A 502 -18.46 -1.90 32.28
C LEU A 502 -18.57 -1.43 33.73
N ASP A 503 -19.31 -0.33 33.92
CA ASP A 503 -19.54 0.17 35.26
C ASP A 503 -20.55 -0.73 35.99
N VAL A 504 -20.71 -0.46 37.29
CA VAL A 504 -21.50 -1.34 38.15
C VAL A 504 -22.98 -1.33 37.72
N GLU A 505 -23.47 -0.18 37.27
CA GLU A 505 -24.91 -0.04 37.02
C GLU A 505 -25.40 -1.06 36.00
N THR A 506 -24.75 -1.14 34.84
CA THR A 506 -25.13 -2.15 33.86
C THR A 506 -24.58 -3.53 34.21
N GLU A 507 -23.49 -3.60 34.98
CA GLU A 507 -22.93 -4.89 35.35
C GLU A 507 -23.90 -5.70 36.19
N GLU A 508 -24.58 -5.04 37.14
CA GLU A 508 -25.51 -5.76 38.00
C GLU A 508 -26.66 -6.36 37.20
N LYS A 509 -27.24 -5.57 36.29
CA LYS A 509 -28.36 -6.08 35.50
C LYS A 509 -27.91 -7.14 34.50
N VAL A 510 -26.70 -7.00 33.94
CA VAL A 510 -26.19 -8.02 33.04
C VAL A 510 -25.99 -9.34 33.79
N THR A 511 -25.41 -9.27 34.99
CA THR A 511 -25.22 -10.48 35.79
C THR A 511 -26.56 -11.09 36.17
N GLN A 512 -27.53 -10.26 36.54
CA GLN A 512 -28.85 -10.77 36.89
C GLN A 512 -29.49 -11.47 35.70
N ALA A 513 -29.39 -10.88 34.51
CA ALA A 513 -29.98 -11.48 33.31
C ALA A 513 -29.30 -12.81 32.97
N VAL A 514 -27.97 -12.84 33.01
CA VAL A 514 -27.27 -14.06 32.65
C VAL A 514 -27.49 -15.16 33.69
N ASP A 515 -27.68 -14.79 34.96
CA ASP A 515 -27.96 -15.78 35.97
C ASP A 515 -29.38 -16.32 35.84
N GLU A 516 -30.36 -15.44 35.57
CA GLU A 516 -31.73 -15.88 35.39
C GLU A 516 -31.86 -16.78 34.17
N LEU A 517 -31.18 -16.42 33.07
CA LEU A 517 -31.22 -17.24 31.86
C LEU A 517 -30.51 -18.57 32.05
N SER A 518 -29.63 -18.68 33.04
CA SER A 518 -28.84 -19.88 33.26
C SER A 518 -29.30 -20.68 34.47
N HIS A 519 -30.56 -20.48 34.90
CA HIS A 519 -31.07 -21.22 36.04
C HIS A 519 -31.12 -22.72 35.76
N ASN A 520 -31.56 -23.10 34.57
CA ASN A 520 -31.66 -24.50 34.19
C ASN A 520 -30.43 -25.03 33.47
N ARG A 521 -29.43 -24.20 33.25
CA ARG A 521 -28.22 -24.58 32.52
C ARG A 521 -27.00 -24.53 33.43
N THR A 522 -25.94 -25.19 32.99
CA THR A 522 -24.68 -25.21 33.72
C THR A 522 -23.68 -24.27 33.05
N THR A 523 -23.03 -23.44 33.86
CA THR A 523 -22.14 -22.40 33.36
C THR A 523 -20.79 -22.48 34.05
N PHE A 524 -19.75 -22.14 33.29
CA PHE A 524 -18.40 -21.98 33.81
C PHE A 524 -18.02 -20.52 33.68
N ILE A 525 -17.71 -19.89 34.81
CA ILE A 525 -17.50 -18.43 34.87
C ILE A 525 -16.08 -18.17 35.31
N ILE A 526 -15.35 -17.39 34.51
CA ILE A 526 -13.99 -16.94 34.83
C ILE A 526 -13.95 -15.43 34.67
N ALA A 527 -13.57 -14.73 35.73
CA ALA A 527 -13.47 -13.28 35.68
C ALA A 527 -12.60 -12.79 36.83
N HIS A 528 -12.00 -11.61 36.64
CA HIS A 528 -11.19 -10.99 37.67
C HIS A 528 -12.01 -10.08 38.59
N ARG A 529 -13.29 -9.85 38.28
CA ARG A 529 -14.16 -9.03 39.09
C ARG A 529 -14.85 -9.91 40.11
N LEU A 530 -14.56 -9.69 41.39
CA LEU A 530 -15.10 -10.51 42.48
C LEU A 530 -16.46 -9.98 42.93
N SER A 531 -17.36 -9.88 41.97
CA SER A 531 -18.74 -9.46 42.23
C SER A 531 -19.77 -10.45 41.70
N THR A 532 -19.53 -11.06 40.54
CA THR A 532 -20.39 -12.09 40.01
C THR A 532 -20.07 -13.47 40.55
N VAL A 533 -18.99 -13.59 41.33
CA VAL A 533 -18.63 -14.88 41.93
C VAL A 533 -19.46 -15.20 43.17
N ARG A 534 -19.99 -14.17 43.85
CA ARG A 534 -20.75 -14.40 45.08
C ARG A 534 -22.05 -15.17 44.82
N SER A 535 -22.56 -15.15 43.60
CA SER A 535 -23.78 -15.88 43.26
C SER A 535 -23.51 -17.28 42.73
N ALA A 536 -22.24 -17.69 42.67
CA ALA A 536 -21.90 -19.01 42.16
C ALA A 536 -22.24 -20.10 43.19
N ASP A 537 -22.29 -21.33 42.69
CA ASP A 537 -22.60 -22.49 43.54
C ASP A 537 -21.37 -23.30 43.91
N LEU A 538 -20.33 -23.30 43.08
CA LEU A 538 -19.11 -24.05 43.35
C LEU A 538 -17.92 -23.25 42.86
N VAL A 539 -17.06 -22.85 43.80
CA VAL A 539 -15.90 -22.00 43.49
C VAL A 539 -14.65 -22.87 43.51
N LEU A 540 -13.88 -22.81 42.43
CA LEU A 540 -12.65 -23.57 42.29
C LEU A 540 -11.47 -22.60 42.25
N PHE A 541 -10.36 -23.00 42.84
CA PHE A 541 -9.17 -22.15 42.93
C PHE A 541 -8.06 -22.78 42.12
N MET A 542 -7.53 -22.01 41.16
CA MET A 542 -6.57 -22.50 40.18
C MET A 542 -5.28 -21.71 40.34
N ASP A 543 -4.24 -22.35 40.88
CA ASP A 543 -3.00 -21.64 41.22
C ASP A 543 -1.80 -22.41 40.71
N LYS A 544 -1.03 -21.79 39.81
CA LYS A 544 0.25 -22.29 39.33
C LYS A 544 0.19 -23.71 38.77
N GLY A 545 -0.93 -24.09 38.17
CA GLY A 545 -1.09 -25.42 37.63
C GLY A 545 -1.72 -26.41 38.57
N HIS A 546 -2.25 -25.98 39.71
CA HIS A 546 -2.78 -26.88 40.72
C HIS A 546 -4.18 -26.45 41.13
N LEU A 547 -4.95 -27.42 41.61
CA LEU A 547 -6.26 -27.21 42.21
C LEU A 547 -6.16 -27.58 43.68
N VAL A 548 -6.47 -26.64 44.56
CA VAL A 548 -6.30 -26.85 45.99
C VAL A 548 -7.61 -26.72 46.78
N GLU A 549 -8.64 -26.09 46.24
CA GLU A 549 -9.88 -25.88 46.97
C GLU A 549 -11.06 -26.31 46.11
N SER A 550 -12.06 -26.90 46.76
CA SER A 550 -13.27 -27.34 46.08
C SER A 550 -14.42 -27.28 47.10
N GLY A 551 -15.29 -26.29 46.94
CA GLY A 551 -16.38 -26.13 47.88
C GLY A 551 -17.33 -25.04 47.41
N SER A 552 -18.36 -24.82 48.23
CA SER A 552 -19.40 -23.85 47.90
C SER A 552 -19.05 -22.49 48.49
N PHE A 553 -19.96 -21.52 48.29
CA PHE A 553 -19.73 -20.17 48.80
C PHE A 553 -19.72 -20.15 50.32
N ASN A 554 -20.60 -20.93 50.96
CA ASN A 554 -20.68 -20.93 52.41
C ASN A 554 -19.53 -21.69 53.08
N GLU A 555 -18.81 -22.51 52.32
CA GLU A 555 -17.73 -23.32 52.88
C GLU A 555 -16.34 -22.76 52.60
N LEU A 556 -16.23 -21.68 51.83
CA LEU A 556 -14.94 -21.09 51.51
C LEU A 556 -14.50 -20.01 52.49
N ALA A 557 -15.33 -19.69 53.48
CA ALA A 557 -14.97 -18.66 54.45
C ALA A 557 -13.74 -19.06 55.26
N GLU A 558 -13.67 -20.32 55.69
CA GLU A 558 -12.56 -20.83 56.48
C GLU A 558 -11.69 -21.80 55.70
N ARG A 559 -11.93 -21.96 54.40
CA ARG A 559 -11.19 -22.91 53.57
C ARG A 559 -10.14 -22.17 52.76
N GLY A 560 -8.89 -22.63 52.86
CA GLY A 560 -7.80 -22.04 52.12
C GLY A 560 -7.24 -20.79 52.76
N GLY A 561 -5.92 -20.62 52.69
CA GLY A 561 -5.28 -19.44 53.25
C GLY A 561 -5.09 -18.34 52.24
N ARG A 562 -4.50 -18.67 51.09
CA ARG A 562 -4.35 -17.70 50.02
C ARG A 562 -5.71 -17.27 49.47
N PHE A 563 -6.64 -18.22 49.35
CA PHE A 563 -8.00 -17.88 48.95
C PHE A 563 -8.66 -16.96 49.96
N SER A 564 -8.41 -17.20 51.25
CA SER A 564 -8.90 -16.28 52.27
C SER A 564 -8.28 -14.89 52.11
N ASP A 565 -7.00 -14.84 51.73
CA ASP A 565 -6.34 -13.56 51.47
C ASP A 565 -7.02 -12.83 50.32
N LEU A 566 -7.34 -13.54 49.25
CA LEU A 566 -8.05 -12.92 48.14
C LEU A 566 -9.44 -12.46 48.55
N LEU A 567 -10.12 -13.26 49.37
CA LEU A 567 -11.47 -12.89 49.81
C LEU A 567 -11.46 -11.64 50.67
N ARG A 568 -10.49 -11.53 51.59
CA ARG A 568 -10.41 -10.33 52.41
C ARG A 568 -9.89 -9.13 51.62
N ALA A 569 -9.10 -9.38 50.57
CA ALA A 569 -8.64 -8.29 49.72
C ALA A 569 -9.81 -7.66 48.96
N GLY A 570 -10.75 -8.48 48.50
CA GLY A 570 -11.90 -7.98 47.77
C GLY A 570 -13.01 -9.00 47.61
N MET B 1 -9.13 22.37 -22.85
CA MET B 1 -7.74 22.55 -23.24
C MET B 1 -6.81 22.42 -22.03
N SER B 2 -7.31 21.78 -20.97
CA SER B 2 -6.52 21.59 -19.77
C SER B 2 -5.30 20.70 -20.04
N LEU B 3 -5.47 19.69 -20.90
CA LEU B 3 -4.37 18.76 -21.16
C LEU B 3 -3.18 19.47 -21.77
N LEU B 4 -3.42 20.33 -22.76
CA LEU B 4 -2.31 21.06 -23.37
C LEU B 4 -1.68 22.04 -22.40
N LYS B 5 -2.49 22.65 -21.52
CA LYS B 5 -1.94 23.56 -20.52
C LYS B 5 -1.02 22.83 -19.55
N ILE B 6 -1.43 21.65 -19.09
CA ILE B 6 -0.54 20.91 -18.17
C ILE B 6 0.69 20.41 -18.91
N TYR B 7 0.56 20.04 -20.19
CA TYR B 7 1.76 19.69 -20.95
C TYR B 7 2.72 20.86 -21.03
N TRP B 8 2.21 22.06 -21.30
CA TRP B 8 3.08 23.23 -21.41
C TRP B 8 3.74 23.54 -20.08
N ARG B 9 2.97 23.50 -18.98
CA ARG B 9 3.56 23.81 -17.68
C ARG B 9 4.52 22.73 -17.21
N ALA B 10 4.37 21.49 -17.69
CA ALA B 10 5.36 20.46 -17.38
C ALA B 10 6.62 20.63 -18.23
N MET B 11 6.48 21.12 -19.47
CA MET B 11 7.66 21.36 -20.29
C MET B 11 8.43 22.60 -19.86
N GLN B 12 7.79 23.55 -19.18
CA GLN B 12 8.50 24.71 -18.69
C GLN B 12 9.63 24.31 -17.73
N TYR B 13 9.38 23.30 -16.90
CA TYR B 13 10.38 22.87 -15.93
C TYR B 13 11.63 22.33 -16.61
N LEU B 14 11.45 21.55 -17.69
CA LEU B 14 12.61 21.18 -18.49
C LEU B 14 13.24 22.40 -19.15
N ALA B 15 12.43 23.36 -19.58
CA ALA B 15 12.96 24.57 -20.19
C ALA B 15 13.81 25.37 -19.21
N VAL B 16 13.68 25.11 -17.91
CA VAL B 16 14.59 25.72 -16.94
C VAL B 16 16.03 25.31 -17.22
N GLU B 17 16.25 24.03 -17.53
CA GLU B 17 17.57 23.51 -17.89
C GLU B 17 17.67 23.50 -19.42
N ARG B 18 18.45 24.42 -19.97
CA ARG B 18 18.38 24.68 -21.40
C ARG B 18 19.30 23.78 -22.21
N THR B 19 20.55 23.63 -21.80
CA THR B 19 21.54 22.95 -22.63
C THR B 19 21.18 21.48 -22.84
N ALA B 20 20.92 20.77 -21.74
CA ALA B 20 20.61 19.35 -21.86
C ALA B 20 19.32 19.12 -22.63
N THR B 21 18.32 19.97 -22.41
CA THR B 21 17.06 19.85 -23.13
C THR B 21 17.27 20.06 -24.63
N ILE B 22 18.10 21.03 -25.01
CA ILE B 22 18.37 21.27 -26.41
C ILE B 22 19.08 20.07 -27.03
N THR B 23 20.06 19.50 -26.31
CA THR B 23 20.75 18.33 -26.83
C THR B 23 19.78 17.17 -27.01
N MET B 24 18.91 16.93 -26.03
CA MET B 24 17.96 15.83 -26.14
C MET B 24 16.99 16.04 -27.29
N CYS B 25 16.49 17.26 -27.48
CA CYS B 25 15.51 17.47 -28.53
C CYS B 25 16.14 17.35 -29.92
N VAL B 26 17.36 17.86 -30.11
CA VAL B 26 18.00 17.70 -31.41
C VAL B 26 18.34 16.23 -31.65
N ALA B 27 18.73 15.50 -30.60
CA ALA B 27 18.98 14.07 -30.75
C ALA B 27 17.71 13.33 -31.14
N SER B 28 16.57 13.69 -30.53
CA SER B 28 15.31 13.05 -30.88
C SER B 28 14.92 13.34 -32.32
N VAL B 29 15.15 14.58 -32.78
CA VAL B 29 14.85 14.90 -34.19
C VAL B 29 15.72 14.06 -35.11
N LEU B 30 17.00 13.92 -34.80
CA LEU B 30 17.88 13.10 -35.63
C LEU B 30 17.44 11.64 -35.63
N VAL B 31 17.03 11.12 -34.47
CA VAL B 31 16.57 9.74 -34.40
C VAL B 31 15.32 9.55 -35.25
N ALA B 32 14.40 10.53 -35.21
CA ALA B 32 13.20 10.44 -36.03
C ALA B 32 13.53 10.43 -37.52
N LEU B 33 14.46 11.30 -37.94
CA LEU B 33 14.85 11.31 -39.34
C LEU B 33 15.46 9.99 -39.76
N VAL B 34 16.30 9.40 -38.91
CA VAL B 34 16.90 8.11 -39.24
C VAL B 34 15.84 7.02 -39.28
N THR B 35 14.87 7.07 -38.37
CA THR B 35 13.80 6.07 -38.35
C THR B 35 13.00 6.12 -39.63
N LEU B 36 12.68 7.31 -40.13
CA LEU B 36 12.00 7.41 -41.42
C LEU B 36 12.90 6.95 -42.56
N ALA B 37 14.19 7.29 -42.52
CA ALA B 37 15.06 7.00 -43.65
C ALA B 37 15.39 5.51 -43.77
N GLU B 38 15.31 4.75 -42.67
CA GLU B 38 15.71 3.35 -42.74
C GLU B 38 14.85 2.51 -43.67
N PRO B 39 13.51 2.54 -43.61
CA PRO B 39 12.73 1.71 -44.54
C PRO B 39 12.96 2.02 -46.00
N VAL B 40 13.19 3.29 -46.35
CA VAL B 40 13.44 3.63 -47.75
C VAL B 40 14.72 2.96 -48.23
N LEU B 41 15.76 2.98 -47.40
CA LEU B 41 17.01 2.32 -47.78
C LEU B 41 16.85 0.81 -47.80
N PHE B 42 16.02 0.25 -46.92
CA PHE B 42 15.75 -1.18 -47.00
C PHE B 42 15.09 -1.54 -48.33
N GLY B 43 14.13 -0.72 -48.76
CA GLY B 43 13.53 -0.94 -50.07
C GLY B 43 14.53 -0.79 -51.20
N ARG B 44 15.46 0.17 -51.06
CA ARG B 44 16.49 0.34 -52.08
C ARG B 44 17.39 -0.89 -52.17
N VAL B 45 17.76 -1.47 -51.03
CA VAL B 45 18.58 -2.68 -51.03
C VAL B 45 17.81 -3.83 -51.66
N ILE B 46 16.55 -4.01 -51.27
CA ILE B 46 15.78 -5.15 -51.75
C ILE B 46 15.52 -5.04 -53.25
N GLN B 47 15.27 -3.82 -53.75
CA GLN B 47 14.90 -3.66 -55.14
C GLN B 47 16.09 -3.94 -56.05
N SER B 48 17.12 -3.10 -55.99
CA SER B 48 18.42 -3.34 -56.59
C SER B 48 18.34 -4.01 -57.97
N ILE B 49 17.33 -3.67 -58.76
CA ILE B 49 17.00 -4.38 -60.00
C ILE B 49 16.85 -5.86 -59.69
N SER B 50 15.65 -6.27 -59.29
CA SER B 50 15.40 -7.62 -58.77
C SER B 50 16.28 -7.84 -57.55
N ASP B 51 17.44 -8.46 -57.76
CA ASP B 51 18.56 -8.28 -56.84
C ASP B 51 19.87 -8.29 -57.62
N LYS B 52 19.82 -7.89 -58.90
CA LYS B 52 20.96 -7.95 -59.80
C LYS B 52 21.45 -6.54 -60.06
N GLY B 53 22.63 -6.22 -59.56
CA GLY B 53 23.19 -4.88 -59.73
C GLY B 53 24.20 -4.59 -58.63
N ASP B 54 24.26 -3.32 -58.25
CA ASP B 54 25.14 -2.87 -57.18
C ASP B 54 24.39 -2.98 -55.85
N ILE B 55 24.82 -3.91 -55.01
CA ILE B 55 24.18 -4.13 -53.72
C ILE B 55 24.98 -3.42 -52.64
N PHE B 56 26.29 -3.29 -52.87
CA PHE B 56 27.17 -2.73 -51.84
C PHE B 56 26.81 -1.28 -51.50
N SER B 57 26.53 -0.47 -52.52
CA SER B 57 26.27 0.94 -52.29
C SER B 57 25.07 1.21 -51.40
N PRO B 58 23.88 0.61 -51.61
CA PRO B 58 22.77 0.87 -50.69
C PRO B 58 22.93 0.15 -49.36
N LEU B 59 23.54 -1.02 -49.40
CA LEU B 59 23.72 -1.82 -48.18
C LEU B 59 24.63 -1.10 -47.19
N LEU B 60 25.68 -0.45 -47.68
CA LEU B 60 26.56 0.29 -46.78
C LEU B 60 25.82 1.42 -46.08
N MET B 61 25.01 2.17 -46.83
CA MET B 61 24.23 3.24 -46.22
C MET B 61 23.25 2.70 -45.19
N TRP B 62 22.57 1.59 -45.52
CA TRP B 62 21.61 1.01 -44.60
C TRP B 62 22.30 0.56 -43.31
N ALA B 63 23.46 -0.08 -43.43
CA ALA B 63 24.19 -0.51 -42.24
C ALA B 63 24.66 0.69 -41.43
N ALA B 64 25.09 1.77 -42.09
CA ALA B 64 25.51 2.96 -41.35
C ALA B 64 24.37 3.55 -40.56
N LEU B 65 23.18 3.65 -41.17
CA LEU B 65 22.02 4.16 -40.42
C LEU B 65 21.63 3.20 -39.30
N GLY B 66 21.77 1.89 -39.51
CA GLY B 66 21.50 0.96 -38.42
C GLY B 66 22.42 1.17 -37.23
N GLY B 67 23.72 1.31 -37.51
CA GLY B 67 24.67 1.57 -36.42
C GLY B 67 24.40 2.88 -35.71
N PHE B 68 24.07 3.92 -36.48
CA PHE B 68 23.71 5.19 -35.86
C PHE B 68 22.48 5.04 -34.99
N ASN B 69 21.49 4.26 -35.44
CA ASN B 69 20.29 4.05 -34.66
C ASN B 69 20.60 3.33 -33.36
N ILE B 70 21.50 2.34 -33.40
CA ILE B 70 21.93 1.66 -32.17
C ILE B 70 22.57 2.65 -31.20
N MET B 71 23.54 3.43 -31.69
CA MET B 71 24.25 4.36 -30.81
C MET B 71 23.29 5.40 -30.24
N ALA B 72 22.37 5.90 -31.06
CA ALA B 72 21.40 6.89 -30.58
C ALA B 72 20.42 6.28 -29.58
N ALA B 73 20.00 5.03 -29.80
CA ALA B 73 19.12 4.38 -28.85
C ALA B 73 19.79 4.23 -27.49
N VAL B 74 21.11 4.08 -27.46
CA VAL B 74 21.80 4.09 -26.17
C VAL B 74 21.88 5.50 -25.59
N PHE B 75 22.40 6.45 -26.38
CA PHE B 75 22.73 7.76 -25.85
C PHE B 75 21.49 8.53 -25.41
N VAL B 76 20.45 8.54 -26.24
CA VAL B 76 19.23 9.28 -25.89
C VAL B 76 18.57 8.67 -24.66
N ALA B 77 18.54 7.34 -24.57
CA ALA B 77 17.93 6.69 -23.42
C ALA B 77 18.69 7.01 -22.14
N ARG B 78 20.02 7.12 -22.22
CA ARG B 78 20.79 7.48 -21.04
C ARG B 78 20.55 8.93 -20.64
N GLY B 79 20.65 9.84 -21.62
CA GLY B 79 20.50 11.25 -21.32
C GLY B 79 19.13 11.61 -20.79
N ALA B 80 18.09 10.97 -21.34
CA ALA B 80 16.73 11.29 -20.93
C ALA B 80 16.51 10.97 -19.46
N ASP B 81 16.96 9.79 -19.02
CA ASP B 81 16.71 9.44 -17.62
C ASP B 81 17.63 10.20 -16.67
N ARG B 82 18.86 10.51 -17.09
CA ARG B 82 19.70 11.36 -16.26
C ARG B 82 19.05 12.73 -16.05
N LEU B 83 18.58 13.35 -17.14
CA LEU B 83 17.92 14.63 -17.03
C LEU B 83 16.66 14.55 -16.19
N ALA B 84 15.86 13.50 -16.38
CA ALA B 84 14.61 13.38 -15.64
C ALA B 84 14.87 13.25 -14.14
N HIS B 85 15.85 12.43 -13.76
CA HIS B 85 16.16 12.28 -12.33
C HIS B 85 16.65 13.60 -11.75
N ARG B 86 17.57 14.27 -12.44
CA ARG B 86 18.09 15.54 -11.93
C ARG B 86 16.98 16.57 -11.77
N ARG B 87 16.10 16.69 -12.78
CA ARG B 87 15.04 17.68 -12.72
C ARG B 87 14.03 17.36 -11.64
N ARG B 88 13.69 16.08 -11.45
CA ARG B 88 12.76 15.71 -10.40
CA ARG B 88 12.76 15.71 -10.40
C ARG B 88 13.32 16.04 -9.02
N LEU B 89 14.60 15.75 -8.81
CA LEU B 89 15.21 16.10 -7.52
C LEU B 89 15.23 17.61 -7.31
N GLY B 90 15.60 18.37 -8.35
CA GLY B 90 15.62 19.82 -8.21
C GLY B 90 14.25 20.40 -7.92
N VAL B 91 13.23 19.92 -8.63
CA VAL B 91 11.88 20.42 -8.42
C VAL B 91 11.39 20.08 -7.02
N MET B 92 11.67 18.84 -6.57
CA MET B 92 11.25 18.46 -5.23
C MET B 92 11.94 19.31 -4.17
N ILE B 93 13.25 19.57 -4.34
CA ILE B 93 13.97 20.40 -3.36
C ILE B 93 13.38 21.81 -3.33
N ASP B 94 13.15 22.39 -4.50
CA ASP B 94 12.62 23.76 -4.56
C ASP B 94 11.25 23.83 -3.92
N SER B 95 10.35 22.91 -4.28
CA SER B 95 9.00 22.94 -3.74
C SER B 95 9.01 22.71 -2.24
N TYR B 96 9.87 21.81 -1.75
CA TYR B 96 9.95 21.55 -0.33
C TYR B 96 10.45 22.77 0.43
N GLU B 97 11.52 23.39 -0.05
CA GLU B 97 12.08 24.53 0.67
C GLU B 97 11.14 25.73 0.60
N ARG B 98 10.29 25.80 -0.43
CA ARG B 98 9.29 26.88 -0.46
C ARG B 98 8.07 26.55 0.38
N LEU B 99 7.79 25.26 0.59
CA LEU B 99 6.60 24.87 1.35
C LEU B 99 6.85 24.88 2.84
N ILE B 100 8.06 24.50 3.27
CA ILE B 100 8.34 24.35 4.70
C ILE B 100 8.44 25.67 5.43
N THR B 101 8.68 26.77 4.73
CA THR B 101 8.93 28.07 5.34
C THR B 101 7.71 28.99 5.29
N MET B 102 6.51 28.42 5.37
CA MET B 102 5.31 29.21 5.16
C MET B 102 4.28 28.91 6.25
N PRO B 103 3.54 29.94 6.73
CA PRO B 103 2.77 29.81 7.98
C PRO B 103 1.91 28.57 8.16
N LEU B 104 1.66 28.23 9.42
CA LEU B 104 0.94 27.01 9.78
C LEU B 104 -0.53 27.04 9.39
N ALA B 105 -1.17 28.21 9.45
CA ALA B 105 -2.60 28.29 9.20
C ALA B 105 -2.98 27.62 7.89
N TRP B 106 -2.14 27.81 6.86
CA TRP B 106 -2.35 27.10 5.60
C TRP B 106 -2.21 25.59 5.78
N HIS B 107 -1.28 25.15 6.63
CA HIS B 107 -1.11 23.73 6.88
C HIS B 107 -2.36 23.12 7.50
N GLN B 108 -2.96 23.82 8.48
CA GLN B 108 -4.20 23.30 9.04
C GLN B 108 -5.36 23.41 8.06
N LYS B 109 -5.38 24.45 7.22
CA LYS B 109 -6.46 24.58 6.24
C LYS B 109 -6.44 23.44 5.25
N ARG B 110 -5.25 23.06 4.76
CA ARG B 110 -5.13 22.01 3.76
C ARG B 110 -4.86 20.63 4.37
N GLY B 111 -3.88 20.55 5.28
CA GLY B 111 -3.46 19.28 5.82
C GLY B 111 -2.06 18.92 5.40
N THR B 112 -1.15 18.83 6.37
CA THR B 112 0.26 18.59 6.05
C THR B 112 0.45 17.24 5.36
N SER B 113 -0.31 16.22 5.78
CA SER B 113 -0.24 14.93 5.12
C SER B 113 -0.71 15.03 3.68
N ASN B 114 -1.79 15.77 3.44
CA ASN B 114 -2.28 15.95 2.08
C ASN B 114 -1.26 16.67 1.21
N ALA B 115 -0.63 17.73 1.75
CA ALA B 115 0.38 18.45 0.99
C ALA B 115 1.57 17.56 0.67
N LEU B 116 2.03 16.76 1.64
CA LEU B 116 3.15 15.87 1.40
C LEU B 116 2.81 14.84 0.33
N HIS B 117 1.63 14.23 0.43
CA HIS B 117 1.22 13.23 -0.56
CA HIS B 117 1.24 13.23 -0.57
C HIS B 117 1.11 13.85 -1.95
N THR B 118 0.51 15.04 -2.04
CA THR B 118 0.40 15.71 -3.32
C THR B 118 1.78 15.96 -3.93
N LEU B 119 2.70 16.49 -3.12
CA LEU B 119 4.04 16.77 -3.63
C LEU B 119 4.72 15.51 -4.13
N ILE B 120 4.72 14.44 -3.33
CA ILE B 120 5.44 13.23 -3.70
C ILE B 120 4.84 12.60 -4.95
N ARG B 121 3.52 12.39 -4.96
CA ARG B 121 2.90 11.71 -6.08
C ARG B 121 3.00 12.54 -7.36
N ALA B 122 2.80 13.85 -7.25
CA ALA B 122 2.89 14.70 -8.43
C ALA B 122 4.30 14.73 -8.98
N THR B 123 5.31 14.79 -8.11
CA THR B 123 6.68 14.78 -8.60
C THR B 123 7.00 13.45 -9.29
N ASP B 124 6.52 12.33 -8.74
CA ASP B 124 6.76 11.04 -9.38
C ASP B 124 6.11 10.99 -10.76
N SER B 125 4.85 11.42 -10.86
CA SER B 125 4.17 11.42 -12.16
C SER B 125 4.86 12.35 -13.15
N LEU B 126 5.30 13.51 -12.68
CA LEU B 126 5.99 14.47 -13.54
C LEU B 126 7.30 13.89 -14.04
N PHE B 127 8.03 13.18 -13.17
CA PHE B 127 9.27 12.53 -13.61
C PHE B 127 9.00 11.48 -14.67
N THR B 128 7.94 10.67 -14.48
CA THR B 128 7.61 9.69 -15.51
C THR B 128 7.27 10.36 -16.83
N LEU B 129 6.50 11.45 -16.77
CA LEU B 129 6.17 12.21 -17.97
C LEU B 129 7.43 12.69 -18.68
N TRP B 130 8.35 13.31 -17.93
CA TRP B 130 9.58 13.81 -18.54
C TRP B 130 10.40 12.69 -19.14
N LEU B 131 10.50 11.55 -18.43
CA LEU B 131 11.35 10.46 -18.90
C LEU B 131 10.82 9.87 -20.21
N GLU B 132 9.53 9.56 -20.26
CA GLU B 132 9.00 8.93 -21.46
C GLU B 132 8.89 9.91 -22.62
N PHE B 133 8.37 11.11 -22.34
CA PHE B 133 8.00 12.05 -23.40
C PHE B 133 9.18 12.31 -24.31
N MET B 134 10.24 12.93 -23.77
CA MET B 134 11.32 13.45 -24.60
C MET B 134 11.75 12.40 -25.60
N ARG B 135 12.38 11.33 -25.14
CA ARG B 135 12.91 10.36 -26.07
C ARG B 135 11.80 9.76 -26.91
N GLN B 136 10.94 8.93 -26.32
CA GLN B 136 10.20 8.07 -27.22
C GLN B 136 9.10 8.85 -27.94
N HIS B 137 8.40 9.73 -27.24
CA HIS B 137 7.28 10.37 -27.88
C HIS B 137 7.64 11.63 -28.64
N LEU B 138 8.73 12.33 -28.30
CA LEU B 138 9.21 13.34 -29.25
C LEU B 138 9.62 12.67 -30.55
N THR B 139 10.29 11.53 -30.46
CA THR B 139 10.64 10.80 -31.67
C THR B 139 9.40 10.42 -32.46
N THR B 140 8.36 9.89 -31.80
CA THR B 140 7.16 9.48 -32.52
C THR B 140 6.45 10.66 -33.15
N VAL B 141 6.31 11.78 -32.42
CA VAL B 141 5.58 12.92 -32.95
C VAL B 141 6.28 13.48 -34.17
N VAL B 142 7.60 13.71 -34.07
CA VAL B 142 8.33 14.22 -35.22
C VAL B 142 8.31 13.21 -36.36
N ALA B 143 8.37 11.92 -36.03
CA ALA B 143 8.40 10.88 -37.06
C ALA B 143 7.12 10.88 -37.87
N LEU B 144 5.97 10.96 -37.20
CA LEU B 144 4.70 10.96 -37.93
C LEU B 144 4.50 12.26 -38.70
N ALA B 145 4.81 13.40 -38.06
CA ALA B 145 4.62 14.70 -38.71
C ALA B 145 5.51 14.82 -39.95
N THR B 146 6.66 14.16 -39.97
CA THR B 146 7.52 14.16 -41.14
C THR B 146 7.17 13.04 -42.12
N LEU B 147 6.57 11.95 -41.62
CA LEU B 147 6.18 10.85 -42.47
C LEU B 147 5.04 11.24 -43.39
N ILE B 148 4.15 12.12 -42.92
CA ILE B 148 3.03 12.55 -43.75
C ILE B 148 3.50 13.15 -45.08
N PRO B 149 4.44 14.11 -45.11
CA PRO B 149 4.91 14.60 -46.43
C PRO B 149 5.60 13.56 -47.28
N VAL B 150 6.36 12.64 -46.68
CA VAL B 150 7.08 11.65 -47.48
C VAL B 150 6.11 10.73 -48.21
N ALA B 151 5.12 10.20 -47.49
CA ALA B 151 4.09 9.40 -48.15
C ALA B 151 3.29 10.24 -49.13
N MET B 152 3.03 11.51 -48.77
CA MET B 152 2.29 12.40 -49.66
C MET B 152 2.99 12.55 -51.00
N THR B 153 4.32 12.65 -50.98
CA THR B 153 5.06 12.88 -52.22
C THR B 153 5.41 11.60 -52.96
N MET B 154 5.47 10.46 -52.27
CA MET B 154 5.90 9.23 -52.94
C MET B 154 4.76 8.55 -53.70
N ASP B 155 3.75 8.08 -52.98
CA ASP B 155 2.75 7.16 -53.52
C ASP B 155 1.33 7.54 -53.06
N MET B 156 0.92 8.76 -53.40
CA MET B 156 -0.27 9.44 -52.87
C MET B 156 -1.44 8.50 -52.53
N ARG B 157 -1.73 7.54 -53.40
CA ARG B 157 -2.78 6.57 -53.09
C ARG B 157 -2.48 5.85 -51.78
N MET B 158 -1.26 5.32 -51.63
CA MET B 158 -0.89 4.68 -50.38
C MET B 158 -0.74 5.67 -49.23
N SER B 159 -0.45 6.94 -49.52
CA SER B 159 -0.49 7.93 -48.44
C SER B 159 -1.89 8.06 -47.86
N LEU B 160 -2.89 8.15 -48.73
CA LEU B 160 -4.27 8.20 -48.27
C LEU B 160 -4.66 6.92 -47.55
N VAL B 161 -4.20 5.78 -48.06
CA VAL B 161 -4.48 4.50 -47.41
C VAL B 161 -3.89 4.48 -46.00
N LEU B 162 -2.65 4.93 -45.85
CA LEU B 162 -2.02 4.96 -44.54
C LEU B 162 -2.75 5.89 -43.58
N ILE B 163 -3.16 7.07 -44.07
CA ILE B 163 -3.87 8.01 -43.21
C ILE B 163 -5.19 7.40 -42.74
N VAL B 164 -5.92 6.76 -43.66
CA VAL B 164 -7.18 6.13 -43.30
C VAL B 164 -6.96 5.03 -42.27
N LEU B 165 -5.93 4.20 -42.48
CA LEU B 165 -5.66 3.12 -41.54
C LEU B 165 -5.31 3.66 -40.17
N GLY B 166 -4.50 4.71 -40.11
CA GLY B 166 -4.15 5.30 -38.81
C GLY B 166 -5.36 5.87 -38.10
N VAL B 167 -6.22 6.58 -38.83
CA VAL B 167 -7.41 7.16 -38.21
C VAL B 167 -8.31 6.06 -37.67
N ILE B 168 -8.53 5.02 -38.47
CA ILE B 168 -9.40 3.92 -38.05
C ILE B 168 -8.82 3.23 -36.82
N TYR B 169 -7.51 3.00 -36.83
CA TYR B 169 -6.89 2.33 -35.69
C TYR B 169 -7.02 3.16 -34.42
N VAL B 170 -6.81 4.47 -34.51
CA VAL B 170 -6.93 5.31 -33.32
C VAL B 170 -8.37 5.33 -32.81
N MET B 171 -9.34 5.42 -33.72
CA MET B 171 -10.74 5.42 -33.28
C MET B 171 -11.12 4.12 -32.60
N ILE B 172 -10.70 2.98 -33.18
CA ILE B 172 -11.01 1.69 -32.57
C ILE B 172 -10.32 1.56 -31.22
N GLY B 173 -9.08 2.06 -31.11
CA GLY B 173 -8.40 2.05 -29.83
C GLY B 173 -9.15 2.82 -28.78
N GLN B 174 -9.61 4.02 -29.12
CA GLN B 174 -10.37 4.82 -28.15
C GLN B 174 -11.64 4.10 -27.73
N LEU B 175 -12.35 3.50 -28.70
CA LEU B 175 -13.58 2.77 -28.36
C LEU B 175 -13.30 1.63 -27.39
N VAL B 176 -12.26 0.84 -27.67
CA VAL B 176 -11.93 -0.30 -26.82
C VAL B 176 -11.55 0.19 -25.43
N MET B 177 -10.78 1.27 -25.36
CA MET B 177 -10.37 1.82 -24.07
C MET B 177 -11.57 2.24 -23.23
N ARG B 178 -12.52 2.95 -23.84
CA ARG B 178 -13.70 3.39 -23.11
C ARG B 178 -14.53 2.21 -22.63
N LYS B 179 -14.79 1.25 -23.52
CA LYS B 179 -15.65 0.14 -23.15
C LYS B 179 -14.96 -0.85 -22.22
N THR B 180 -13.63 -0.81 -22.11
CA THR B 180 -12.95 -1.58 -21.08
C THR B 180 -12.98 -0.87 -19.74
N LYS B 181 -12.85 0.46 -19.75
CA LYS B 181 -12.91 1.21 -18.50
C LYS B 181 -14.27 1.05 -17.83
N ASP B 182 -15.35 1.11 -18.62
CA ASP B 182 -16.68 0.94 -18.04
C ASP B 182 -16.82 -0.42 -17.36
N GLY B 183 -16.38 -1.49 -18.04
CA GLY B 183 -16.48 -2.82 -17.47
C GLY B 183 -15.65 -2.99 -16.22
N GLN B 184 -14.44 -2.43 -16.21
CA GLN B 184 -13.61 -2.53 -15.01
C GLN B 184 -14.26 -1.81 -13.84
N ALA B 185 -14.82 -0.62 -14.09
CA ALA B 185 -15.50 0.11 -13.02
C ALA B 185 -16.70 -0.67 -12.50
N ALA B 186 -17.38 -1.41 -13.37
CA ALA B 186 -18.50 -2.23 -12.90
C ALA B 186 -18.02 -3.43 -12.08
N VAL B 187 -16.91 -4.06 -12.49
CA VAL B 187 -16.44 -5.29 -11.85
C VAL B 187 -15.84 -5.02 -10.48
N GLU B 188 -15.16 -3.88 -10.31
CA GLU B 188 -14.39 -3.65 -9.09
C GLU B 188 -15.24 -3.80 -7.83
N LYS B 189 -16.52 -3.45 -7.88
CA LYS B 189 -17.34 -3.52 -6.67
C LYS B 189 -17.53 -4.97 -6.21
N HIS B 190 -17.84 -5.88 -7.14
CA HIS B 190 -17.99 -7.29 -6.76
C HIS B 190 -16.65 -7.87 -6.34
N HIS B 191 -15.57 -7.47 -7.01
CA HIS B 191 -14.25 -7.95 -6.62
C HIS B 191 -13.93 -7.57 -5.17
N HIS B 192 -14.16 -6.30 -4.83
CA HIS B 192 -13.89 -5.85 -3.47
C HIS B 192 -14.79 -6.51 -2.46
N LYS B 193 -16.06 -6.74 -2.82
CA LYS B 193 -16.96 -7.44 -1.90
C LYS B 193 -16.44 -8.84 -1.61
N LEU B 194 -16.06 -9.58 -2.65
CA LEU B 194 -15.52 -10.92 -2.46
C LEU B 194 -14.32 -10.92 -1.52
N PHE B 195 -13.35 -10.06 -1.80
CA PHE B 195 -12.12 -10.14 -1.01
C PHE B 195 -12.30 -9.61 0.40
N GLU B 196 -13.16 -8.62 0.59
CA GLU B 196 -13.49 -8.17 1.94
C GLU B 196 -14.16 -9.28 2.73
N HIS B 197 -15.07 -10.02 2.11
CA HIS B 197 -15.69 -11.14 2.81
C HIS B 197 -14.66 -12.19 3.19
N VAL B 198 -13.75 -12.52 2.26
CA VAL B 198 -12.73 -13.53 2.56
C VAL B 198 -11.89 -13.09 3.74
N SER B 199 -11.42 -11.85 3.73
CA SER B 199 -10.56 -11.37 4.81
C SER B 199 -11.30 -11.35 6.14
N ASP B 200 -12.54 -10.84 6.15
CA ASP B 200 -13.30 -10.77 7.40
C ASP B 200 -13.60 -12.16 7.97
N THR B 201 -13.94 -13.13 7.13
CA THR B 201 -14.26 -14.44 7.66
C THR B 201 -13.02 -15.23 8.07
N ILE B 202 -11.89 -15.04 7.39
CA ILE B 202 -10.67 -15.73 7.79
C ILE B 202 -10.14 -15.14 9.10
N SER B 203 -10.20 -13.82 9.26
CA SER B 203 -9.70 -13.20 10.48
C SER B 203 -10.45 -13.69 11.71
N ASN B 204 -11.77 -13.80 11.62
CA ASN B 204 -12.59 -14.28 12.73
C ASN B 204 -12.87 -15.77 12.57
N VAL B 205 -11.80 -16.55 12.51
CA VAL B 205 -11.92 -17.99 12.30
C VAL B 205 -12.54 -18.66 13.52
N SER B 206 -12.20 -18.17 14.72
CA SER B 206 -12.68 -18.82 15.94
C SER B 206 -14.20 -18.75 16.05
N VAL B 207 -14.77 -17.58 15.76
CA VAL B 207 -16.23 -17.42 15.81
C VAL B 207 -16.90 -18.33 14.77
N VAL B 208 -16.33 -18.37 13.57
CA VAL B 208 -16.90 -19.20 12.51
C VAL B 208 -16.90 -20.68 12.93
N GLN B 209 -15.78 -21.14 13.48
CA GLN B 209 -15.68 -22.55 13.84
C GLN B 209 -16.51 -22.89 15.07
N SER B 210 -16.74 -21.92 15.96
CA SER B 210 -17.47 -22.19 17.18
C SER B 210 -18.98 -22.32 16.98
N TYR B 211 -19.50 -21.91 15.83
CA TYR B 211 -20.94 -21.92 15.60
C TYR B 211 -21.35 -22.75 14.39
N ASN B 212 -20.46 -23.62 13.89
CA ASN B 212 -20.76 -24.49 12.75
C ASN B 212 -21.21 -23.69 11.54
N ARG B 213 -20.52 -22.58 11.27
CA ARG B 213 -20.86 -21.69 10.16
C ARG B 213 -19.99 -21.92 8.93
N ILE B 214 -19.21 -23.00 8.90
CA ILE B 214 -18.30 -23.23 7.78
C ILE B 214 -19.08 -23.40 6.48
N ALA B 215 -20.15 -24.19 6.51
CA ALA B 215 -20.95 -24.42 5.32
C ALA B 215 -21.57 -23.12 4.81
N SER B 216 -22.11 -22.30 5.72
CA SER B 216 -22.74 -21.05 5.32
C SER B 216 -21.72 -20.10 4.70
N GLU B 217 -20.53 -19.99 5.31
CA GLU B 217 -19.51 -19.11 4.78
C GLU B 217 -19.03 -19.58 3.40
N THR B 218 -18.84 -20.89 3.24
CA THR B 218 -18.44 -21.42 1.95
C THR B 218 -19.50 -21.15 0.89
N GLN B 219 -20.78 -21.33 1.25
CA GLN B 219 -21.84 -21.06 0.28
C GLN B 219 -21.89 -19.59 -0.10
N ALA B 220 -21.69 -18.70 0.88
CA ALA B 220 -21.66 -17.28 0.56
C ALA B 220 -20.49 -16.94 -0.36
N LEU B 221 -19.33 -17.56 -0.12
CA LEU B 221 -18.19 -17.32 -1.00
C LEU B 221 -18.45 -17.80 -2.41
N ARG B 222 -19.10 -18.97 -2.55
CA ARG B 222 -19.43 -19.46 -3.88
C ARG B 222 -20.41 -18.53 -4.57
N ASP B 223 -21.38 -17.99 -3.83
CA ASP B 223 -22.31 -17.03 -4.42
C ASP B 223 -21.58 -15.78 -4.90
N TYR B 224 -20.63 -15.28 -4.11
CA TYR B 224 -19.87 -14.10 -4.53
C TYR B 224 -19.03 -14.41 -5.77
N ALA B 225 -18.44 -15.60 -5.83
CA ALA B 225 -17.67 -15.99 -7.00
C ALA B 225 -18.54 -16.06 -8.25
N LYS B 226 -19.75 -16.60 -8.11
CA LYS B 226 -20.66 -16.63 -9.25
C LYS B 226 -21.05 -15.21 -9.67
N ASN B 227 -21.20 -14.31 -8.70
CA ASN B 227 -21.47 -12.92 -9.03
C ASN B 227 -20.31 -12.30 -9.83
N LEU B 228 -19.07 -12.59 -9.44
CA LEU B 228 -17.94 -12.11 -10.25
C LEU B 228 -17.96 -12.70 -11.64
N GLU B 229 -18.26 -13.98 -11.78
CA GLU B 229 -18.29 -14.57 -13.11
C GLU B 229 -19.33 -13.88 -13.99
N ASN B 230 -20.52 -13.63 -13.43
CA ASN B 230 -21.56 -12.95 -14.17
C ASN B 230 -21.16 -11.52 -14.53
N ALA B 231 -20.51 -10.82 -13.60
CA ALA B 231 -20.12 -9.44 -13.87
C ALA B 231 -18.98 -9.35 -14.88
N GLN B 232 -18.11 -10.36 -14.92
CA GLN B 232 -16.97 -10.35 -15.82
C GLN B 232 -17.31 -10.84 -17.21
N PHE B 233 -18.37 -11.65 -17.36
CA PHE B 233 -18.73 -12.16 -18.68
C PHE B 233 -18.90 -11.08 -19.75
N PRO B 234 -19.59 -9.97 -19.52
CA PRO B 234 -19.81 -9.00 -20.61
C PRO B 234 -18.54 -8.33 -21.13
N VAL B 235 -17.45 -8.30 -20.36
CA VAL B 235 -16.28 -7.51 -20.71
C VAL B 235 -15.13 -8.36 -21.21
N LEU B 236 -15.31 -9.67 -21.31
CA LEU B 236 -14.23 -10.54 -21.79
C LEU B 236 -13.87 -10.23 -23.24
N ASN B 237 -14.87 -9.95 -24.07
CA ASN B 237 -14.59 -9.64 -25.47
C ASN B 237 -13.74 -8.39 -25.59
N TRP B 238 -14.06 -7.36 -24.81
CA TRP B 238 -13.29 -6.12 -24.88
C TRP B 238 -11.90 -6.31 -24.29
N TRP B 239 -11.76 -7.12 -23.24
CA TRP B 239 -10.43 -7.41 -22.73
C TRP B 239 -9.57 -8.11 -23.77
N ALA B 240 -10.15 -9.10 -24.45
CA ALA B 240 -9.41 -9.80 -25.50
C ALA B 240 -9.04 -8.85 -26.65
N LEU B 241 -9.96 -7.98 -27.02
CA LEU B 241 -9.67 -7.01 -28.08
C LEU B 241 -8.55 -6.07 -27.68
N ALA B 242 -8.56 -5.59 -26.44
CA ALA B 242 -7.49 -4.73 -25.97
C ALA B 242 -6.16 -5.45 -25.97
N SER B 243 -6.16 -6.73 -25.59
CA SER B 243 -4.91 -7.50 -25.62
C SER B 243 -4.40 -7.68 -27.04
N GLY B 244 -5.29 -7.93 -28.00
CA GLY B 244 -4.86 -8.31 -29.34
C GLY B 244 -4.74 -7.22 -30.37
N LEU B 245 -5.27 -6.02 -30.07
CA LEU B 245 -5.47 -5.00 -31.09
C LEU B 245 -4.18 -4.64 -31.82
N ASN B 246 -3.05 -4.63 -31.13
CA ASN B 246 -1.81 -4.23 -31.78
C ASN B 246 -1.44 -5.20 -32.90
N ARG B 247 -1.47 -6.50 -32.62
CA ARG B 247 -1.18 -7.49 -33.66
C ARG B 247 -2.26 -7.50 -34.73
N MET B 248 -3.52 -7.33 -34.34
CA MET B 248 -4.59 -7.20 -35.32
C MET B 248 -4.27 -6.11 -36.33
N ALA B 249 -3.96 -4.91 -35.83
CA ALA B 249 -3.77 -3.77 -36.71
C ALA B 249 -2.50 -3.92 -37.54
N SER B 250 -1.43 -4.46 -36.95
CA SER B 250 -0.21 -4.66 -37.71
C SER B 250 -0.44 -5.61 -38.88
N THR B 251 -1.10 -6.75 -38.61
CA THR B 251 -1.35 -7.71 -39.67
C THR B 251 -2.29 -7.14 -40.73
N PHE B 252 -3.34 -6.45 -40.31
CA PHE B 252 -4.29 -5.89 -41.27
C PHE B 252 -3.62 -4.84 -42.16
N SER B 253 -2.83 -3.95 -41.55
CA SER B 253 -2.14 -2.93 -42.34
C SER B 253 -1.16 -3.56 -43.31
N MET B 254 -0.40 -4.57 -42.86
CA MET B 254 0.53 -5.23 -43.76
C MET B 254 -0.20 -5.88 -44.92
N VAL B 255 -1.32 -6.55 -44.64
CA VAL B 255 -2.06 -7.23 -45.69
C VAL B 255 -2.59 -6.24 -46.71
N VAL B 256 -3.21 -5.15 -46.24
CA VAL B 256 -3.78 -4.17 -47.16
C VAL B 256 -2.67 -3.54 -48.00
N VAL B 257 -1.57 -3.14 -47.36
CA VAL B 257 -0.50 -2.47 -48.09
C VAL B 257 0.11 -3.40 -49.13
N LEU B 258 0.37 -4.65 -48.75
CA LEU B 258 0.99 -5.58 -49.69
C LEU B 258 0.05 -5.91 -50.84
N VAL B 259 -1.24 -6.07 -50.56
CA VAL B 259 -2.19 -6.38 -51.62
C VAL B 259 -2.25 -5.24 -52.62
N LEU B 260 -2.37 -4.00 -52.13
CA LEU B 260 -2.39 -2.86 -53.03
C LEU B 260 -1.06 -2.72 -53.78
N GLY B 261 0.05 -3.00 -53.11
CA GLY B 261 1.34 -2.92 -53.78
C GLY B 261 1.47 -3.92 -54.91
N ALA B 262 1.04 -5.16 -54.68
CA ALA B 262 1.07 -6.15 -55.73
C ALA B 262 0.13 -5.78 -56.88
N TYR B 263 -1.05 -5.25 -56.54
CA TYR B 263 -1.99 -4.83 -57.58
C TYR B 263 -1.40 -3.72 -58.43
N PHE B 264 -0.72 -2.75 -57.81
CA PHE B 264 -0.16 -1.65 -58.57
C PHE B 264 1.06 -2.09 -59.37
N VAL B 265 1.90 -2.97 -58.80
CA VAL B 265 3.09 -3.43 -59.51
C VAL B 265 2.69 -4.26 -60.72
N THR B 266 1.61 -5.04 -60.61
CA THR B 266 1.13 -5.81 -61.75
C THR B 266 0.79 -4.90 -62.92
N LYS B 267 0.38 -3.66 -62.64
CA LYS B 267 0.07 -2.69 -63.67
C LYS B 267 1.28 -1.87 -64.10
N GLY B 268 2.44 -2.09 -63.49
CA GLY B 268 3.66 -1.42 -63.90
C GLY B 268 3.84 -0.01 -63.37
N GLN B 269 2.97 0.47 -62.50
CA GLN B 269 3.05 1.83 -61.96
C GLN B 269 3.85 1.90 -60.67
N MET B 270 4.49 0.81 -60.26
CA MET B 270 5.15 0.74 -58.96
C MET B 270 6.25 -0.30 -59.04
N ARG B 271 7.19 -0.22 -58.08
CA ARG B 271 8.32 -1.12 -58.05
C ARG B 271 8.42 -1.76 -56.67
N VAL B 272 9.26 -2.80 -56.57
CA VAL B 272 9.32 -3.60 -55.35
C VAL B 272 9.77 -2.75 -54.16
N GLY B 273 10.78 -1.91 -54.37
CA GLY B 273 11.30 -1.11 -53.28
C GLY B 273 10.24 -0.20 -52.66
N ASP B 274 9.36 0.36 -53.50
CA ASP B 274 8.32 1.22 -52.98
C ASP B 274 7.25 0.46 -52.21
N VAL B 275 7.19 -0.86 -52.36
CA VAL B 275 6.29 -1.67 -51.54
C VAL B 275 6.96 -2.08 -50.23
N ILE B 276 8.23 -2.49 -50.30
CA ILE B 276 8.95 -2.82 -49.09
C ILE B 276 9.11 -1.61 -48.19
N ALA B 277 9.15 -0.41 -48.77
CA ALA B 277 9.20 0.80 -47.97
C ALA B 277 7.87 1.03 -47.26
N PHE B 278 6.75 0.87 -47.97
CA PHE B 278 5.47 1.20 -47.37
C PHE B 278 5.04 0.16 -46.33
N ILE B 279 5.48 -1.09 -46.48
CA ILE B 279 5.21 -2.07 -45.43
C ILE B 279 5.85 -1.63 -44.11
N GLY B 280 7.12 -1.20 -44.19
CA GLY B 280 7.79 -0.71 -42.99
C GLY B 280 7.17 0.57 -42.46
N PHE B 281 6.74 1.45 -43.37
CA PHE B 281 6.06 2.67 -42.95
C PHE B 281 4.81 2.34 -42.13
N ALA B 282 4.00 1.40 -42.64
CA ALA B 282 2.78 1.01 -41.94
C ALA B 282 3.10 0.38 -40.59
N GLN B 283 4.10 -0.49 -40.54
CA GLN B 283 4.46 -1.14 -39.28
C GLN B 283 4.88 -0.13 -38.23
N LEU B 284 5.79 0.79 -38.59
CA LEU B 284 6.25 1.76 -37.60
C LEU B 284 5.14 2.74 -37.23
N MET B 285 4.28 3.10 -38.18
CA MET B 285 3.16 3.97 -37.85
C MET B 285 2.25 3.32 -36.81
N ILE B 286 1.95 2.03 -37.00
CA ILE B 286 1.09 1.34 -36.04
C ILE B 286 1.73 1.29 -34.67
N GLY B 287 3.01 0.92 -34.62
CA GLY B 287 3.69 0.84 -33.32
C GLY B 287 3.70 2.16 -32.59
N ARG B 288 4.08 3.23 -33.29
CA ARG B 288 4.18 4.53 -32.63
C ARG B 288 2.82 5.08 -32.27
N LEU B 289 1.78 4.82 -33.07
CA LEU B 289 0.44 5.23 -32.69
C LEU B 289 0.00 4.55 -31.40
N ASP B 290 0.27 3.25 -31.27
CA ASP B 290 -0.07 2.56 -30.03
C ASP B 290 0.66 3.18 -28.84
N GLN B 291 1.96 3.42 -29.00
CA GLN B 291 2.74 3.97 -27.89
C GLN B 291 2.21 5.33 -27.46
N ILE B 292 1.93 6.21 -28.43
CA ILE B 292 1.50 7.55 -28.07
C ILE B 292 0.08 7.52 -27.49
N SER B 293 -0.77 6.59 -27.94
CA SER B 293 -2.10 6.48 -27.33
C SER B 293 -1.99 6.07 -25.87
N ALA B 294 -1.12 5.10 -25.56
CA ALA B 294 -0.92 4.73 -24.17
C ALA B 294 -0.39 5.90 -23.36
N PHE B 295 0.53 6.68 -23.94
CA PHE B 295 1.05 7.86 -23.25
C PHE B 295 -0.06 8.86 -22.95
N ILE B 296 -0.93 9.12 -23.92
CA ILE B 296 -2.02 10.07 -23.70
C ILE B 296 -2.94 9.57 -22.60
N ASN B 297 -3.23 8.26 -22.58
CA ASN B 297 -4.04 7.71 -21.50
C ASN B 297 -3.38 7.97 -20.14
N GLN B 298 -2.07 7.70 -20.04
CA GLN B 298 -1.40 7.89 -18.76
C GLN B 298 -1.44 9.35 -18.32
N THR B 299 -1.22 10.28 -19.25
CA THR B 299 -1.24 11.69 -18.90
C THR B 299 -2.64 12.12 -18.47
N VAL B 300 -3.68 11.62 -19.15
CA VAL B 300 -5.05 11.93 -18.75
C VAL B 300 -5.33 11.42 -17.35
N THR B 301 -4.84 10.23 -17.02
CA THR B 301 -5.01 9.72 -15.66
C THR B 301 -4.31 10.59 -14.64
N ALA B 302 -3.09 11.04 -14.96
CA ALA B 302 -2.30 11.81 -13.99
C ALA B 302 -2.70 13.28 -13.91
N ARG B 303 -3.53 13.77 -14.83
CA ARG B 303 -3.92 15.17 -14.79
C ARG B 303 -4.57 15.57 -13.48
N ALA B 304 -5.33 14.66 -12.86
CA ALA B 304 -6.03 15.01 -11.62
C ALA B 304 -5.06 15.43 -10.53
N LYS B 305 -3.95 14.70 -10.38
CA LYS B 305 -2.94 15.09 -9.40
C LYS B 305 -2.09 16.26 -9.88
N LEU B 306 -1.82 16.34 -11.19
CA LEU B 306 -0.96 17.42 -11.68
C LEU B 306 -1.59 18.79 -11.48
N GLU B 307 -2.90 18.91 -11.74
CA GLU B 307 -3.55 20.20 -11.52
C GLU B 307 -3.49 20.60 -10.05
N GLU B 308 -3.69 19.65 -9.15
CA GLU B 308 -3.60 19.95 -7.72
C GLU B 308 -2.20 20.41 -7.35
N PHE B 309 -1.17 19.75 -7.89
CA PHE B 309 0.20 20.15 -7.61
C PHE B 309 0.47 21.58 -8.09
N PHE B 310 0.03 21.89 -9.31
CA PHE B 310 0.27 23.23 -9.84
C PHE B 310 -0.49 24.27 -9.03
N GLN B 311 -1.71 23.95 -8.61
CA GLN B 311 -2.47 24.87 -7.77
C GLN B 311 -1.75 25.12 -6.45
N MET B 312 -1.25 24.06 -5.82
CA MET B 312 -0.55 24.24 -4.55
C MET B 312 0.73 25.06 -4.74
N GLU B 313 1.47 24.79 -5.81
CA GLU B 313 2.71 25.53 -6.05
C GLU B 313 2.43 27.00 -6.32
N ASP B 314 1.37 27.31 -7.07
CA ASP B 314 1.01 28.71 -7.29
C ASP B 314 0.57 29.37 -6.00
N ALA B 315 -0.20 28.68 -5.18
CA ALA B 315 -0.65 29.26 -3.91
C ALA B 315 0.53 29.49 -2.98
N THR B 316 1.43 28.52 -2.88
CA THR B 316 2.58 28.59 -1.97
C THR B 316 3.81 29.15 -2.67
N ALA B 317 3.67 30.32 -3.30
CA ALA B 317 4.73 30.88 -4.11
C ALA B 317 5.27 32.21 -3.63
N ASP B 318 4.44 33.04 -2.99
CA ASP B 318 4.86 34.37 -2.58
C ASP B 318 4.55 34.59 -1.10
N ARG B 319 5.50 35.21 -0.41
CA ARG B 319 5.34 35.65 0.97
C ARG B 319 5.52 37.17 1.01
N GLN B 320 5.61 37.71 2.22
CA GLN B 320 5.91 39.13 2.37
C GLN B 320 7.27 39.44 1.76
N GLU B 321 7.39 40.64 1.21
CA GLU B 321 8.61 41.02 0.51
C GLU B 321 9.79 41.00 1.47
N PRO B 322 10.88 40.30 1.15
CA PRO B 322 12.03 40.26 2.05
C PRO B 322 12.61 41.64 2.29
N GLU B 323 13.01 41.89 3.54
CA GLU B 323 13.61 43.15 3.93
C GLU B 323 14.28 42.97 5.28
N ASN B 324 15.30 43.80 5.54
CA ASN B 324 16.02 43.76 6.81
C ASN B 324 15.27 44.63 7.82
N VAL B 325 14.11 44.12 8.24
CA VAL B 325 13.30 44.83 9.22
C VAL B 325 14.03 44.87 10.56
N ALA B 326 13.69 45.87 11.37
CA ALA B 326 14.38 46.06 12.64
C ALA B 326 14.00 44.98 13.65
N ASP B 327 14.78 43.89 13.68
CA ASP B 327 14.54 42.83 14.63
C ASP B 327 14.91 43.27 16.04
N LEU B 328 14.14 42.82 17.02
CA LEU B 328 14.44 43.17 18.41
C LEU B 328 15.73 42.50 18.85
N ASN B 329 16.53 43.24 19.62
CA ASN B 329 17.82 42.76 20.09
C ASN B 329 17.95 43.06 21.58
N ASP B 330 18.68 42.19 22.28
CA ASP B 330 18.86 42.27 23.73
C ASP B 330 17.50 42.35 24.43
N VAL B 331 16.67 41.35 24.14
CA VAL B 331 15.33 41.30 24.70
C VAL B 331 15.39 41.13 26.21
N LYS B 332 14.62 41.94 26.92
CA LYS B 332 14.59 41.92 28.38
C LYS B 332 13.26 41.43 28.94
N GLY B 333 12.15 41.76 28.29
CA GLY B 333 10.86 41.18 28.63
C GLY B 333 9.87 42.13 29.26
N ASP B 334 8.94 42.64 28.44
CA ASP B 334 7.80 43.43 28.91
C ASP B 334 6.71 43.38 27.84
N ILE B 335 5.73 42.51 28.06
CA ILE B 335 4.77 42.14 27.03
C ILE B 335 3.43 42.78 27.36
N VAL B 336 2.93 43.64 26.48
CA VAL B 336 1.61 44.23 26.67
C VAL B 336 0.73 43.90 25.48
N PHE B 337 -0.51 43.48 25.77
CA PHE B 337 -1.54 43.24 24.77
C PHE B 337 -2.64 44.27 24.97
N ASP B 338 -3.11 44.87 23.87
CA ASP B 338 -4.13 45.92 23.93
C ASP B 338 -5.18 45.65 22.86
N ASN B 339 -6.41 45.35 23.29
CA ASN B 339 -7.59 45.38 22.43
C ASN B 339 -7.48 44.36 21.29
N VAL B 340 -6.73 43.30 21.48
CA VAL B 340 -6.51 42.32 20.42
C VAL B 340 -7.73 41.43 20.28
N THR B 341 -8.08 41.10 19.03
CA THR B 341 -9.25 40.28 18.73
C THR B 341 -9.00 39.55 17.43
N TYR B 342 -9.44 38.28 17.37
CA TYR B 342 -9.22 37.47 16.18
C TYR B 342 -10.41 36.54 15.99
N GLU B 343 -10.61 36.12 14.73
CA GLU B 343 -11.67 35.20 14.33
C GLU B 343 -10.99 33.93 13.83
N PHE B 344 -10.99 32.87 14.65
CA PHE B 344 -10.30 31.65 14.26
C PHE B 344 -11.02 30.95 13.12
N PRO B 345 -12.27 30.44 13.28
CA PRO B 345 -12.90 29.74 12.17
C PRO B 345 -13.68 30.68 11.25
N ASN B 346 -13.09 31.84 10.93
CA ASN B 346 -13.66 32.85 10.06
C ASN B 346 -15.04 33.34 10.51
N SER B 347 -15.48 32.95 11.71
CA SER B 347 -16.77 33.33 12.24
C SER B 347 -16.82 32.93 13.72
N GLY B 348 -17.41 33.79 14.54
CA GLY B 348 -17.45 33.52 15.96
C GLY B 348 -16.13 33.77 16.64
N GLN B 349 -15.70 35.03 16.66
CA GLN B 349 -14.42 35.40 17.25
C GLN B 349 -14.36 34.97 18.71
N GLY B 350 -13.24 34.35 19.08
CA GLY B 350 -13.08 33.86 20.44
C GLY B 350 -12.80 34.95 21.46
N VAL B 351 -11.64 35.59 21.36
CA VAL B 351 -11.24 36.60 22.32
C VAL B 351 -11.99 37.89 22.07
N TYR B 352 -12.37 38.58 23.14
CA TYR B 352 -13.14 39.82 23.06
C TYR B 352 -12.34 40.94 23.73
N ASP B 353 -11.46 41.57 22.95
CA ASP B 353 -10.79 42.82 23.33
C ASP B 353 -10.11 42.71 24.70
N VAL B 354 -9.11 41.84 24.75
CA VAL B 354 -8.35 41.61 25.98
C VAL B 354 -7.18 42.58 26.02
N SER B 355 -6.79 42.95 27.24
CA SER B 355 -5.67 43.86 27.44
C SER B 355 -4.99 43.51 28.76
N PHE B 356 -3.67 43.38 28.72
CA PHE B 356 -2.91 43.02 29.92
C PHE B 356 -1.45 43.40 29.75
N GLU B 357 -0.73 43.36 30.88
CA GLU B 357 0.68 43.75 30.95
C GLU B 357 1.46 42.67 31.69
N VAL B 358 2.68 42.41 31.23
CA VAL B 358 3.58 41.44 31.83
C VAL B 358 4.93 42.11 32.02
N LYS B 359 5.38 42.22 33.28
CA LYS B 359 6.56 42.93 33.75
C LYS B 359 7.79 42.03 33.70
N PRO B 360 8.98 42.63 33.76
CA PRO B 360 10.21 41.83 33.80
C PRO B 360 10.26 40.91 35.00
N GLY B 361 10.85 39.73 34.80
CA GLY B 361 11.08 38.78 35.88
C GLY B 361 9.84 38.23 36.53
N GLN B 362 8.67 38.38 35.91
CA GLN B 362 7.42 37.93 36.48
C GLN B 362 6.86 36.78 35.66
N THR B 363 6.35 35.77 36.36
CA THR B 363 5.70 34.63 35.72
C THR B 363 4.19 34.83 35.73
N VAL B 364 3.54 34.46 34.63
CA VAL B 364 2.11 34.64 34.45
C VAL B 364 1.49 33.27 34.16
N ALA B 365 0.47 32.93 34.94
CA ALA B 365 -0.26 31.67 34.76
C ALA B 365 -1.68 31.99 34.33
N ILE B 366 -2.10 31.42 33.20
CA ILE B 366 -3.43 31.65 32.64
C ILE B 366 -4.28 30.41 32.89
N VAL B 367 -5.46 30.62 33.47
CA VAL B 367 -6.36 29.53 33.84
C VAL B 367 -7.75 29.82 33.28
N GLY B 368 -8.43 28.77 32.82
CA GLY B 368 -9.77 28.89 32.29
C GLY B 368 -10.42 27.54 32.11
N PRO B 369 -11.71 27.54 31.79
CA PRO B 369 -12.42 26.26 31.61
C PRO B 369 -12.40 25.79 30.16
N THR B 370 -13.57 25.80 29.52
CA THR B 370 -13.67 25.38 28.12
C THR B 370 -13.28 26.48 27.14
N GLY B 371 -13.05 27.70 27.62
CA GLY B 371 -12.66 28.79 26.74
C GLY B 371 -11.35 28.54 26.03
N ALA B 372 -11.36 28.63 24.71
CA ALA B 372 -10.17 28.40 23.90
C ALA B 372 -9.41 29.68 23.60
N GLY B 373 -9.84 30.83 24.15
CA GLY B 373 -9.17 32.08 23.88
C GLY B 373 -7.77 32.16 24.44
N LYS B 374 -7.45 31.38 25.46
CA LYS B 374 -6.10 31.38 26.00
C LYS B 374 -5.11 30.79 25.00
N THR B 375 -5.51 29.74 24.28
CA THR B 375 -4.65 29.19 23.24
C THR B 375 -4.44 30.19 22.11
N THR B 376 -5.50 30.92 21.74
CA THR B 376 -5.35 31.97 20.73
C THR B 376 -4.42 33.07 21.21
N LEU B 377 -4.51 33.43 22.49
CA LEU B 377 -3.59 34.42 23.05
C LEU B 377 -2.15 33.92 22.99
N ILE B 378 -1.93 32.65 23.31
CA ILE B 378 -0.59 32.09 23.24
C ILE B 378 -0.07 32.13 21.81
N ASN B 379 -0.93 31.78 20.84
CA ASN B 379 -0.54 31.82 19.43
C ASN B 379 -0.19 33.24 19.01
N LEU B 380 -0.98 34.23 19.47
CA LEU B 380 -0.69 35.62 19.17
C LEU B 380 0.63 36.06 19.79
N LEU B 381 0.96 35.54 20.98
CA LEU B 381 2.24 35.85 21.59
C LEU B 381 3.40 35.39 20.71
N GLN B 382 3.29 34.18 20.15
CA GLN B 382 4.27 33.70 19.19
C GLN B 382 4.10 34.31 17.81
N ARG B 383 3.02 35.07 17.59
CA ARG B 383 2.71 35.68 16.30
C ARG B 383 2.59 34.61 15.23
N VAL B 384 1.72 33.64 15.50
CA VAL B 384 1.40 32.63 14.50
C VAL B 384 0.56 33.26 13.39
N PHE B 385 -0.44 34.06 13.77
CA PHE B 385 -1.27 34.78 12.83
C PHE B 385 -1.38 36.25 13.27
N ASP B 386 -1.28 37.15 12.30
CA ASP B 386 -1.33 38.57 12.61
C ASP B 386 -2.71 38.95 13.14
N PRO B 387 -2.78 39.73 14.22
CA PRO B 387 -4.09 40.12 14.76
C PRO B 387 -4.80 41.10 13.83
N ALA B 388 -6.08 40.83 13.56
CA ALA B 388 -6.88 41.77 12.77
C ALA B 388 -7.07 43.09 13.51
N ALA B 389 -7.28 43.02 14.82
CA ALA B 389 -7.45 44.21 15.65
C ALA B 389 -6.57 44.09 16.88
N GLY B 390 -6.25 45.24 17.47
CA GLY B 390 -5.42 45.28 18.64
C GLY B 390 -3.94 45.33 18.32
N ARG B 391 -3.15 45.47 19.38
CA ARG B 391 -1.70 45.63 19.25
C ARG B 391 -0.98 44.85 20.33
N ILE B 392 0.25 44.47 20.03
CA ILE B 392 1.15 43.79 20.96
C ILE B 392 2.46 44.56 20.99
N MET B 393 2.93 44.91 22.18
CA MET B 393 4.15 45.68 22.32
C MET B 393 5.14 44.93 23.22
N ILE B 394 6.37 44.81 22.72
CA ILE B 394 7.50 44.25 23.44
C ILE B 394 8.69 45.18 23.28
N ASP B 395 9.34 45.50 24.41
CA ASP B 395 10.56 46.32 24.44
C ASP B 395 10.40 47.65 23.72
N GLY B 396 9.18 48.17 23.63
CA GLY B 396 8.95 49.40 22.91
C GLY B 396 8.99 49.27 21.41
N THR B 397 8.93 48.05 20.88
CA THR B 397 8.98 47.81 19.44
C THR B 397 7.79 46.96 19.03
N ASP B 398 7.17 47.32 17.92
CA ASP B 398 6.02 46.58 17.41
C ASP B 398 6.45 45.17 16.99
N THR B 399 5.63 44.19 17.34
CA THR B 399 5.89 42.82 16.93
C THR B 399 5.76 42.65 15.42
N ARG B 400 4.91 43.44 14.78
CA ARG B 400 4.75 43.38 13.33
C ARG B 400 5.97 43.90 12.59
N THR B 401 6.89 44.57 13.27
CA THR B 401 8.10 45.10 12.65
C THR B 401 9.36 44.39 13.18
N VAL B 402 9.23 43.11 13.51
CA VAL B 402 10.34 42.32 14.03
C VAL B 402 10.46 41.06 13.17
N SER B 403 11.69 40.73 12.79
CA SER B 403 11.92 39.56 11.94
C SER B 403 11.52 38.29 12.67
N ARG B 404 10.96 37.35 11.92
CA ARG B 404 10.55 36.07 12.50
C ARG B 404 11.75 35.28 13.00
N ARG B 405 12.89 35.38 12.30
CA ARG B 405 14.08 34.63 12.71
C ARG B 405 14.57 35.05 14.09
N SER B 406 14.24 36.25 14.53
CA SER B 406 14.60 36.70 15.88
C SER B 406 13.47 36.43 16.88
N LEU B 407 12.22 36.61 16.45
CA LEU B 407 11.09 36.36 17.34
C LEU B 407 11.03 34.90 17.76
N ARG B 408 11.26 33.98 16.82
CA ARG B 408 11.28 32.56 17.15
C ARG B 408 12.39 32.24 18.14
N HIS B 409 13.56 32.86 17.95
CA HIS B 409 14.67 32.63 18.87
C HIS B 409 14.41 33.20 20.26
N ALA B 410 13.67 34.30 20.34
CA ALA B 410 13.48 34.98 21.62
C ALA B 410 12.55 34.23 22.56
N ILE B 411 11.73 33.32 22.05
CA ILE B 411 10.74 32.60 22.86
C ILE B 411 10.94 31.11 22.68
N ALA B 412 11.01 30.39 23.79
CA ALA B 412 10.99 28.92 23.79
C ALA B 412 9.65 28.46 24.37
N THR B 413 8.91 27.70 23.57
CA THR B 413 7.57 27.28 23.93
C THR B 413 7.47 25.76 23.82
N VAL B 414 7.00 25.12 24.89
CA VAL B 414 6.69 23.70 24.87
C VAL B 414 5.21 23.53 25.16
N PHE B 415 4.55 22.70 24.35
CA PHE B 415 3.10 22.58 24.38
C PHE B 415 2.69 21.13 24.67
N GLN B 416 1.39 20.87 24.56
CA GLN B 416 0.82 19.64 25.08
C GLN B 416 1.36 18.41 24.36
N ASP B 417 1.41 18.44 23.02
CA ASP B 417 1.83 17.29 22.23
C ASP B 417 3.09 17.67 21.45
N ALA B 418 4.23 17.52 22.11
CA ALA B 418 5.50 17.81 21.47
C ALA B 418 5.82 16.76 20.41
N GLY B 419 6.45 17.19 19.32
CA GLY B 419 6.83 16.31 18.23
C GLY B 419 8.33 16.10 18.22
N LEU B 420 8.74 14.87 17.95
CA LEU B 420 10.15 14.52 17.88
C LEU B 420 10.44 13.86 16.54
N PHE B 421 11.61 14.17 15.98
CA PHE B 421 12.00 13.58 14.72
C PHE B 421 12.32 12.10 14.90
N ASN B 422 12.52 11.41 13.77
CA ASN B 422 12.87 10.01 13.80
C ASN B 422 14.40 9.81 13.88
N ARG B 423 15.11 10.79 14.43
CA ARG B 423 16.54 10.70 14.63
C ARG B 423 16.82 10.15 16.03
N SER B 424 18.09 10.17 16.44
CA SER B 424 18.45 9.73 17.77
C SER B 424 17.95 10.72 18.82
N VAL B 425 17.84 10.23 20.06
CA VAL B 425 17.40 11.08 21.15
C VAL B 425 18.38 12.24 21.35
N GLU B 426 19.67 11.97 21.20
CA GLU B 426 20.66 13.05 21.27
C GLU B 426 20.43 14.07 20.15
N ASP B 427 20.11 13.60 18.95
CA ASP B 427 19.84 14.51 17.84
C ASP B 427 18.60 15.35 18.11
N ASN B 428 17.55 14.74 18.68
CA ASN B 428 16.35 15.49 19.03
C ASN B 428 16.66 16.54 20.08
N ILE B 429 17.48 16.21 21.07
CA ILE B 429 17.84 17.18 22.10
C ILE B 429 18.68 18.31 21.50
N ARG B 430 19.53 17.98 20.52
CA ARG B 430 20.51 18.93 20.02
C ARG B 430 19.89 20.15 19.34
N VAL B 431 18.63 20.07 18.91
CA VAL B 431 18.05 21.16 18.13
C VAL B 431 17.81 22.41 18.96
N GLY B 432 18.06 22.37 20.27
CA GLY B 432 17.92 23.57 21.08
C GLY B 432 18.87 24.67 20.66
N ARG B 433 20.14 24.32 20.48
CA ARG B 433 21.15 25.25 19.98
C ARG B 433 21.46 24.92 18.52
N ALA B 434 21.93 25.92 17.79
CA ALA B 434 22.34 25.68 16.41
C ALA B 434 23.56 24.77 16.35
N ASN B 435 24.60 25.10 17.12
CA ASN B 435 25.83 24.30 17.16
C ASN B 435 25.89 23.39 18.39
N ALA B 436 25.81 23.98 19.58
CA ALA B 436 25.88 23.27 20.86
C ALA B 436 27.16 22.42 20.92
N THR B 437 27.17 21.42 21.78
CA THR B 437 28.23 20.43 21.91
C THR B 437 27.68 19.29 22.74
N HIS B 438 28.52 18.32 23.05
CA HIS B 438 28.09 17.14 23.81
C HIS B 438 28.16 17.36 25.32
N GLU B 439 28.70 18.49 25.77
CA GLU B 439 28.91 18.72 27.20
C GLU B 439 27.61 19.12 27.90
N GLU B 440 27.01 20.24 27.49
CA GLU B 440 25.84 20.75 28.19
C GLU B 440 24.59 19.91 27.95
N VAL B 441 24.62 18.98 26.99
CA VAL B 441 23.48 18.11 26.77
C VAL B 441 23.21 17.25 28.00
N HIS B 442 24.28 16.69 28.58
CA HIS B 442 24.13 15.88 29.79
C HIS B 442 23.61 16.73 30.96
N ALA B 443 24.11 17.96 31.08
CA ALA B 443 23.64 18.85 32.14
C ALA B 443 22.15 19.16 31.98
N ALA B 444 21.72 19.44 30.73
CA ALA B 444 20.31 19.72 30.49
C ALA B 444 19.45 18.49 30.78
N ALA B 445 19.92 17.30 30.39
CA ALA B 445 19.17 16.08 30.68
C ALA B 445 19.06 15.85 32.18
N LYS B 446 20.14 16.10 32.92
CA LYS B 446 20.10 15.96 34.37
C LYS B 446 19.15 16.97 35.00
N ALA B 447 19.12 18.20 34.48
CA ALA B 447 18.20 19.21 34.99
C ALA B 447 16.76 18.79 34.79
N ALA B 448 16.45 18.19 33.64
CA ALA B 448 15.12 17.66 33.36
C ALA B 448 14.93 16.26 33.89
N ALA B 449 15.93 15.69 34.57
CA ALA B 449 15.87 14.35 35.12
C ALA B 449 15.62 13.29 34.05
N ALA B 450 16.13 13.52 32.84
CA ALA B 450 16.04 12.56 31.76
C ALA B 450 17.33 11.81 31.51
N HIS B 451 18.45 12.28 32.07
CA HIS B 451 19.72 11.59 31.88
C HIS B 451 19.70 10.21 32.52
N ASP B 452 19.15 10.09 33.73
CA ASP B 452 19.10 8.79 34.39
C ASP B 452 18.21 7.81 33.64
N PHE B 453 17.08 8.30 33.11
CA PHE B 453 16.15 7.42 32.41
C PHE B 453 16.75 6.92 31.10
N ILE B 454 17.50 7.77 30.41
CA ILE B 454 17.99 7.46 29.06
C ILE B 454 19.42 6.92 29.06
N LEU B 455 20.11 6.93 30.19
CA LEU B 455 21.51 6.49 30.21
C LEU B 455 21.62 4.99 30.00
N ALA B 456 21.02 4.21 30.89
CA ALA B 456 21.14 2.75 30.82
C ALA B 456 20.04 2.13 29.95
N LYS B 457 18.79 2.49 30.22
CA LYS B 457 17.67 1.90 29.49
C LYS B 457 17.62 2.41 28.06
N SER B 458 16.95 1.63 27.20
CA SER B 458 16.76 1.96 25.79
C SER B 458 18.08 2.06 25.04
N GLU B 459 19.08 1.29 25.46
CA GLU B 459 20.37 1.17 24.78
C GLU B 459 21.04 2.54 24.63
N GLY B 460 21.35 3.12 25.80
CA GLY B 460 22.07 4.39 25.84
C GLY B 460 21.23 5.55 25.32
N TYR B 461 21.85 6.72 25.33
CA TYR B 461 21.20 7.93 24.80
C TYR B 461 21.57 8.14 23.32
N ASP B 462 21.40 7.09 22.52
CA ASP B 462 21.63 7.18 21.09
C ASP B 462 20.63 6.38 20.28
N THR B 463 19.60 5.80 20.90
CA THR B 463 18.63 5.01 20.18
C THR B 463 17.76 5.88 19.28
N PHE B 464 17.24 5.27 18.22
CA PHE B 464 16.38 5.97 17.27
C PHE B 464 14.94 5.86 17.74
N VAL B 465 14.41 6.95 18.29
CA VAL B 465 13.02 6.97 18.71
C VAL B 465 12.11 6.81 17.50
N GLY B 466 10.97 6.16 17.70
CA GLY B 466 10.04 5.94 16.62
C GLY B 466 9.42 7.24 16.12
N GLU B 467 8.77 7.13 14.96
CA GLU B 467 8.16 8.30 14.34
C GLU B 467 7.14 8.93 15.28
N ARG B 468 7.19 10.26 15.39
CA ARG B 468 6.33 11.01 16.29
C ARG B 468 6.43 10.52 17.73
N GLY B 469 7.61 10.06 18.12
CA GLY B 469 7.81 9.54 19.47
C GLY B 469 6.97 8.32 19.78
N SER B 470 6.88 7.39 18.83
CA SER B 470 6.09 6.17 19.04
C SER B 470 6.80 5.12 19.86
N GLN B 471 8.11 5.25 20.08
CA GLN B 471 8.87 4.29 20.87
C GLN B 471 8.92 4.66 22.35
N LEU B 472 8.32 5.78 22.75
CA LEU B 472 8.33 6.24 24.13
C LEU B 472 6.93 6.62 24.56
N SER B 473 6.69 6.57 25.87
CA SER B 473 5.40 6.95 26.42
C SER B 473 5.30 8.48 26.51
N GLY B 474 4.10 8.94 26.89
CA GLY B 474 3.86 10.37 26.94
C GLY B 474 4.75 11.09 27.96
N GLY B 475 4.98 10.45 29.11
CA GLY B 475 5.83 11.07 30.12
C GLY B 475 7.26 11.24 29.66
N GLU B 476 7.81 10.22 29.01
CA GLU B 476 9.17 10.33 28.49
C GLU B 476 9.28 11.39 27.41
N ARG B 477 8.28 11.47 26.52
CA ARG B 477 8.27 12.51 25.50
C ARG B 477 8.21 13.89 26.12
N GLN B 478 7.36 14.07 27.15
CA GLN B 478 7.26 15.35 27.81
C GLN B 478 8.56 15.73 28.50
N ARG B 479 9.21 14.74 29.13
CA ARG B 479 10.51 15.01 29.76
C ARG B 479 11.55 15.41 28.72
N LEU B 480 11.56 14.74 27.57
CA LEU B 480 12.50 15.11 26.51
C LEU B 480 12.22 16.52 26.00
N ALA B 481 10.94 16.87 25.83
CA ALA B 481 10.60 18.21 25.37
C ALA B 481 11.02 19.25 26.40
N ILE B 482 10.84 18.96 27.69
CA ILE B 482 11.28 19.89 28.74
C ILE B 482 12.78 20.05 28.69
N ALA B 483 13.51 18.95 28.48
CA ALA B 483 14.97 19.03 28.37
C ALA B 483 15.37 19.90 27.20
N ARG B 484 14.70 19.74 26.05
CA ARG B 484 15.00 20.57 24.89
C ARG B 484 14.73 22.04 25.18
N ALA B 485 13.59 22.33 25.81
CA ALA B 485 13.23 23.71 26.09
C ALA B 485 14.22 24.36 27.05
N ILE B 486 14.62 23.65 28.10
CA ILE B 486 15.58 24.22 29.05
C ILE B 486 16.96 24.30 28.45
N LEU B 487 17.29 23.45 27.46
CA LEU B 487 18.54 23.62 26.74
C LEU B 487 18.52 24.84 25.86
N LYS B 488 17.35 25.19 25.30
CA LYS B 488 17.26 26.42 24.51
C LYS B 488 17.44 27.65 25.38
N ASP B 489 16.94 27.60 26.62
CA ASP B 489 17.09 28.65 27.64
C ASP B 489 16.81 30.05 27.09
N SER B 490 15.73 30.19 26.33
CA SER B 490 15.33 31.50 25.86
C SER B 490 14.83 32.36 27.02
N PRO B 491 15.05 33.67 26.96
CA PRO B 491 14.59 34.54 28.06
C PRO B 491 13.08 34.59 28.21
N ILE B 492 12.32 34.25 27.18
CA ILE B 492 10.86 34.17 27.25
C ILE B 492 10.49 32.70 27.09
N LEU B 493 9.67 32.19 28.01
CA LEU B 493 9.41 30.77 28.05
C LEU B 493 7.92 30.51 28.23
N VAL B 494 7.43 29.42 27.64
CA VAL B 494 6.01 29.08 27.67
C VAL B 494 5.83 27.59 27.94
N LEU B 495 5.01 27.28 28.94
CA LEU B 495 4.48 25.93 29.17
C LEU B 495 3.01 25.90 28.77
N ASP B 496 2.63 24.91 27.98
CA ASP B 496 1.22 24.72 27.59
C ASP B 496 0.88 23.23 27.74
N GLU B 497 0.42 22.86 28.93
CA GLU B 497 -0.04 21.50 29.21
C GLU B 497 1.04 20.45 28.91
N ALA B 498 2.28 20.80 29.21
CA ALA B 498 3.40 19.90 28.96
C ALA B 498 3.75 19.04 30.16
N THR B 499 3.00 19.15 31.26
CA THR B 499 3.25 18.37 32.47
C THR B 499 1.94 17.84 33.02
N SER B 500 1.08 17.31 32.14
CA SER B 500 -0.24 16.85 32.52
C SER B 500 -0.41 15.35 32.34
N ALA B 501 0.70 14.60 32.25
CA ALA B 501 0.62 13.15 32.05
C ALA B 501 1.63 12.41 32.92
N LEU B 502 1.94 12.93 34.11
CA LEU B 502 2.91 12.32 35.00
C LEU B 502 2.37 12.29 36.41
N ASP B 503 2.86 11.35 37.21
CA ASP B 503 2.47 11.28 38.61
C ASP B 503 3.12 12.40 39.40
N VAL B 504 2.70 12.53 40.66
CA VAL B 504 3.11 13.67 41.48
C VAL B 504 4.60 13.64 41.76
N GLU B 505 5.18 12.44 41.91
CA GLU B 505 6.57 12.33 42.34
C GLU B 505 7.52 13.05 41.39
N THR B 506 7.44 12.74 40.09
CA THR B 506 8.26 13.45 39.13
C THR B 506 7.72 14.83 38.80
N GLU B 507 6.41 15.04 38.97
CA GLU B 507 5.82 16.35 38.67
C GLU B 507 6.40 17.43 39.57
N GLU B 508 6.55 17.12 40.87
CA GLU B 508 7.07 18.12 41.80
C GLU B 508 8.49 18.52 41.43
N LYS B 509 9.36 17.56 41.13
CA LYS B 509 10.73 17.88 40.79
C LYS B 509 10.82 18.58 39.44
N VAL B 510 9.97 18.21 38.48
CA VAL B 510 9.97 18.89 37.19
C VAL B 510 9.55 20.35 37.37
N THR B 511 8.50 20.59 38.17
CA THR B 511 8.08 21.96 38.43
C THR B 511 9.16 22.75 39.16
N GLN B 512 9.83 22.12 40.12
CA GLN B 512 10.90 22.81 40.84
C GLN B 512 12.05 23.17 39.89
N ALA B 513 12.42 22.25 39.00
CA ALA B 513 13.49 22.53 38.06
C ALA B 513 13.12 23.65 37.10
N VAL B 514 11.90 23.61 36.55
CA VAL B 514 11.51 24.62 35.58
C VAL B 514 11.35 25.98 36.26
N ASP B 515 10.94 26.01 37.53
CA ASP B 515 10.84 27.27 38.24
C ASP B 515 12.21 27.83 38.58
N GLU B 516 13.13 26.98 39.01
CA GLU B 516 14.49 27.44 39.33
C GLU B 516 15.18 27.94 38.07
N LEU B 517 15.02 27.25 36.95
CA LEU B 517 15.63 27.69 35.70
C LEU B 517 15.00 28.97 35.16
N SER B 518 13.78 29.30 35.61
CA SER B 518 13.06 30.46 35.10
C SER B 518 13.02 31.60 36.12
N HIS B 519 13.94 31.61 37.07
CA HIS B 519 13.97 32.68 38.06
C HIS B 519 14.23 34.03 37.42
N ASN B 520 15.17 34.09 36.47
CA ASN B 520 15.52 35.33 35.79
C ASN B 520 14.76 35.55 34.49
N ARG B 521 13.89 34.62 34.11
CA ARG B 521 13.14 34.70 32.86
C ARG B 521 11.64 34.82 33.13
N THR B 522 10.92 35.26 32.11
CA THR B 522 9.48 35.41 32.19
C THR B 522 8.80 34.25 31.46
N THR B 523 7.82 33.65 32.12
CA THR B 523 7.16 32.45 31.60
C THR B 523 5.65 32.64 31.60
N PHE B 524 5.02 32.03 30.59
CA PHE B 524 3.56 31.94 30.50
C PHE B 524 3.17 30.48 30.65
N ILE B 525 2.38 30.18 31.66
CA ILE B 525 2.06 28.80 32.04
C ILE B 525 0.57 28.57 31.89
N ILE B 526 0.21 27.56 31.11
CA ILE B 526 -1.18 27.14 30.94
C ILE B 526 -1.26 25.64 31.21
N ALA B 527 -2.10 25.24 32.16
CA ALA B 527 -2.27 23.84 32.50
C ALA B 527 -3.58 23.65 33.23
N HIS B 528 -4.12 22.44 33.15
CA HIS B 528 -5.33 22.08 33.88
C HIS B 528 -5.05 21.54 35.27
N ARG B 529 -3.78 21.31 35.61
CA ARG B 529 -3.40 20.81 36.93
C ARG B 529 -3.14 22.00 37.85
N LEU B 530 -3.98 22.13 38.88
CA LEU B 530 -3.90 23.27 39.79
C LEU B 530 -2.91 22.98 40.93
N SER B 531 -1.68 22.66 40.53
CA SER B 531 -0.59 22.43 41.46
C SER B 531 0.64 23.29 41.16
N THR B 532 0.95 23.51 39.89
CA THR B 532 2.03 24.40 39.50
C THR B 532 1.60 25.86 39.45
N VAL B 533 0.30 26.13 39.61
CA VAL B 533 -0.19 27.51 39.60
C VAL B 533 0.05 28.22 40.92
N ARG B 534 0.17 27.47 42.02
CA ARG B 534 0.34 28.09 43.34
C ARG B 534 1.66 28.84 43.45
N SER B 535 2.66 28.51 42.63
CA SER B 535 3.94 29.18 42.65
C SER B 535 4.02 30.34 41.68
N ALA B 536 2.93 30.65 40.97
CA ALA B 536 2.94 31.74 40.01
C ALA B 536 2.89 33.09 40.72
N ASP B 537 3.21 34.14 39.97
CA ASP B 537 3.21 35.50 40.48
C ASP B 537 2.00 36.31 40.05
N LEU B 538 1.41 35.99 38.89
CA LEU B 538 0.26 36.71 38.38
C LEU B 538 -0.66 35.72 37.69
N VAL B 539 -1.87 35.55 38.23
CA VAL B 539 -2.83 34.59 37.72
C VAL B 539 -3.91 35.34 36.95
N LEU B 540 -4.15 34.92 35.71
CA LEU B 540 -5.14 35.52 34.84
C LEU B 540 -6.25 34.51 34.58
N PHE B 541 -7.49 34.99 34.50
CA PHE B 541 -8.65 34.13 34.31
C PHE B 541 -9.26 34.42 32.94
N MET B 542 -9.38 33.38 32.12
CA MET B 542 -9.79 33.50 30.73
C MET B 542 -11.08 32.71 30.53
N ASP B 543 -12.20 33.41 30.38
CA ASP B 543 -13.51 32.74 30.34
C ASP B 543 -14.32 33.26 29.16
N LYS B 544 -14.67 32.36 28.25
CA LYS B 544 -15.60 32.60 27.14
C LYS B 544 -15.19 33.80 26.28
N GLY B 545 -13.90 34.06 26.14
CA GLY B 545 -13.43 35.19 25.36
C GLY B 545 -13.21 36.47 26.15
N HIS B 546 -13.25 36.41 27.48
CA HIS B 546 -13.14 37.59 28.31
C HIS B 546 -12.08 37.39 29.38
N LEU B 547 -11.53 38.50 29.84
CA LEU B 547 -10.63 38.56 30.99
C LEU B 547 -11.32 39.34 32.10
N VAL B 548 -11.48 38.71 33.26
CA VAL B 548 -12.23 39.31 34.34
C VAL B 548 -11.41 39.50 35.61
N GLU B 549 -10.28 38.81 35.77
CA GLU B 549 -9.49 38.89 36.99
C GLU B 549 -8.03 39.15 36.64
N SER B 550 -7.37 39.96 37.46
CA SER B 550 -5.96 40.26 37.27
C SER B 550 -5.37 40.57 38.65
N GLY B 551 -4.57 39.63 39.17
CA GLY B 551 -4.00 39.82 40.50
C GLY B 551 -3.03 38.71 40.81
N SER B 552 -2.46 38.80 42.01
CA SER B 552 -1.45 37.85 42.46
C SER B 552 -2.11 36.69 43.22
N PHE B 553 -1.27 35.77 43.70
CA PHE B 553 -1.78 34.62 44.43
C PHE B 553 -2.44 35.02 45.73
N ASN B 554 -1.89 36.01 46.43
CA ASN B 554 -2.43 36.44 47.70
C ASN B 554 -3.69 37.27 47.56
N GLU B 555 -3.97 37.81 46.37
CA GLU B 555 -5.13 38.66 46.17
C GLU B 555 -6.29 37.96 45.48
N LEU B 556 -6.14 36.69 45.09
CA LEU B 556 -7.20 35.96 44.43
C LEU B 556 -8.08 35.18 45.39
N ALA B 557 -7.78 35.22 46.69
CA ALA B 557 -8.60 34.49 47.67
C ALA B 557 -10.02 35.02 47.71
N GLU B 558 -10.18 36.34 47.69
CA GLU B 558 -11.49 36.98 47.74
C GLU B 558 -11.87 37.64 46.41
N ARG B 559 -11.10 37.43 45.36
CA ARG B 559 -11.34 38.05 44.06
C ARG B 559 -12.00 37.04 43.12
N GLY B 560 -13.13 37.43 42.54
CA GLY B 560 -13.83 36.57 41.61
C GLY B 560 -14.70 35.53 42.29
N GLY B 561 -15.87 35.26 41.71
CA GLY B 561 -16.77 34.26 42.26
C GLY B 561 -16.57 32.90 41.62
N ARG B 562 -16.59 32.85 40.29
CA ARG B 562 -16.33 31.60 39.58
C ARG B 562 -14.90 31.12 39.82
N PHE B 563 -13.95 32.06 39.84
CA PHE B 563 -12.58 31.70 40.17
C PHE B 563 -12.47 31.16 41.60
N SER B 564 -13.23 31.73 42.53
CA SER B 564 -13.29 31.19 43.88
C SER B 564 -13.88 29.78 43.87
N ASP B 565 -14.87 29.54 43.01
CA ASP B 565 -15.43 28.20 42.88
C ASP B 565 -14.39 27.21 42.39
N LEU B 566 -13.59 27.61 41.40
CA LEU B 566 -12.51 26.73 40.93
C LEU B 566 -11.48 26.51 42.02
N LEU B 567 -11.16 27.55 42.78
CA LEU B 567 -10.16 27.42 43.84
C LEU B 567 -10.62 26.46 44.93
N ARG B 568 -11.90 26.56 45.34
CA ARG B 568 -12.40 25.64 46.35
C ARG B 568 -12.60 24.25 45.80
N ALA B 569 -12.85 24.12 44.49
CA ALA B 569 -12.97 22.80 43.88
C ALA B 569 -11.64 22.07 43.91
N GLY B 570 -10.54 22.77 43.68
CA GLY B 570 -9.23 22.16 43.70
C GLY B 570 -8.09 23.16 43.74
#